data_6YAA
#
_entry.id   6YAA
#
_cell.length_a   71.632
_cell.length_b   71.632
_cell.length_c   588.306
_cell.angle_alpha   90.000
_cell.angle_beta   90.000
_cell.angle_gamma   90.000
#
_symmetry.space_group_name_H-M   'P 41 21 2'
#
loop_
_entity.id
_entity.type
_entity.pdbx_description
1 polymer 'Sarcoplasmic/endoplasmic reticulum calcium ATPase 1'
2 non-polymer "SPIRO(2,4,6-TRINITROBENZENE[1,2A]-2O',3O'-METHYLENE-ADENINE-TRIPHOSPHATE"
3 non-polymer 4-[2-[(2~{R})-2-[3-propyl-6-(trifluoromethyloxy)-1~{H}-indol-2-yl]piperidin-1-yl]ethyl]morpholine
4 non-polymer 'POTASSIUM ION'
#
_entity_poly.entity_id   1
_entity_poly.type   'polypeptide(L)'
_entity_poly.pdbx_seq_one_letter_code
;MEAAHSKSTEECLAYFGVSETTGLTPDQVKRHLEKYGHNELPAEEGKSLWELVIEQFEDLLVRILLLAACISFVLAWFEE
GEETITAFVEPFVILLILIANAIVGVWQERNAENAIEALKEYEPEMGKVYRADRKSVQRIKARDIVPGDIVEVAVGDKVP
ADIRILSIKSTTLRVDQSILTGESVSVIKHTEPVPDPRAVNQDKKNMLFSGTNIAAGKALGIVATTGVSTEIGKIRDQMA
ATEQDKTPLQQKLDEFGEQLSKVISLICVAVWLINIGHFNDPVHGGSWIRGAIYYFKIAVALAVAAIPEGLPAVITTCLA
LGTRRMAKKNAIVRSLPSVETLGCTSVICSDKTGTLTTNQMSVCKMFIIDKVDGDFCSLNEFSITGSTYAPEGEVLKNDK
PIRSGQFDGLVELATICALCNDSSLDFNETKGVYEKVGEATETALTTLVEKMNVFNTEVRNLSKVERANACNSVIRQLMK
KEFTLEFSRDRKSMSVYCSPAKSSRAAVGNKMFVKGAPEGVIDRCNYVRVGTTRVPMTGPVKEKILSVIKEWGTGRDTLR
CLALATRDTPPKREEMVLDDSSRFMEYETDLTFVGVVGMLDPPRKEVMGSIQLCRDAGIRVIMITGDNKGTAIAICRRIG
IFGENEEVADRAYTGREFDDLPLAEQREACRRACCFARVEPSHKSKIVEYLQSYDEITAMTGDGVNDAPALKKAEIGIAM
GSGTAVAKTASEMVLADDNFSTIVAAVEEGRAIYNNMKQFIRYLISSNVGEVVCIFLTAALGLPEALIPVQLLWVNLVTD
GLPATALGFNPPDLDIMDRPPRSPKEPLISGWLFFRYMAIGGYVGAATVGAAAWWFMYAEDGPGVTYHQLTHFMQCTEDH
PHFEGLDCEIFEAPEPMTMALSVLVTIEMCNALNSLSENQSLMRMPPWVNIWLLGSICLSMSLHFLILYVDPLPMIFKLK
ALDLTQWLMVLKISLPVIGLDEILKFIARNYLEG
;
_entity_poly.pdbx_strand_id   A
#
# COMPACT_ATOMS: atom_id res chain seq x y z
N MET A 1 8.12 29.22 -17.95
CA MET A 1 7.45 28.92 -19.20
C MET A 1 6.93 27.49 -19.23
N GLU A 2 5.66 27.32 -18.84
CA GLU A 2 5.08 25.98 -18.70
C GLU A 2 4.41 25.47 -19.97
N ALA A 3 4.28 26.30 -21.00
CA ALA A 3 3.61 25.90 -22.23
C ALA A 3 4.58 25.63 -23.38
N ALA A 4 5.88 25.48 -23.07
CA ALA A 4 6.91 25.47 -24.10
C ALA A 4 6.79 24.30 -25.07
N HIS A 5 5.97 23.29 -24.76
CA HIS A 5 5.80 22.19 -25.70
C HIS A 5 4.91 22.56 -26.88
N SER A 6 4.08 23.60 -26.74
CA SER A 6 3.19 24.04 -27.79
C SER A 6 3.73 25.26 -28.53
N LYS A 7 4.88 25.78 -28.13
CA LYS A 7 5.50 26.91 -28.80
C LYS A 7 6.56 26.41 -29.77
N SER A 8 6.73 27.13 -30.86
CA SER A 8 7.79 26.80 -31.81
C SER A 8 9.15 27.00 -31.13
N THR A 9 10.15 26.28 -31.65
CA THR A 9 11.50 26.40 -31.10
C THR A 9 11.98 27.83 -31.12
N GLU A 10 11.58 28.60 -32.14
CA GLU A 10 11.92 30.02 -32.17
C GLU A 10 11.08 30.81 -31.17
N GLU A 11 9.85 30.37 -30.90
CA GLU A 11 8.98 31.10 -29.97
C GLU A 11 9.52 31.06 -28.55
N CYS A 12 10.19 29.98 -28.17
CA CYS A 12 10.73 29.87 -26.80
C CYS A 12 11.95 30.77 -26.63
N LEU A 13 12.91 30.68 -27.55
CA LEU A 13 14.05 31.59 -27.52
C LEU A 13 13.60 33.04 -27.58
N ALA A 14 12.48 33.32 -28.25
CA ALA A 14 11.93 34.67 -28.27
C ALA A 14 11.39 35.06 -26.91
N TYR A 15 10.67 34.14 -26.25
CA TYR A 15 10.11 34.43 -24.93
C TYR A 15 11.19 34.80 -23.93
N PHE A 16 12.27 34.01 -23.89
CA PHE A 16 13.35 34.27 -22.95
C PHE A 16 14.33 35.33 -23.43
N GLY A 17 14.31 35.66 -24.72
CA GLY A 17 15.27 36.59 -25.26
C GLY A 17 16.70 36.06 -25.18
N VAL A 18 16.89 34.84 -25.68
CA VAL A 18 18.20 34.20 -25.68
C VAL A 18 18.53 33.78 -27.10
N SER A 19 19.83 33.78 -27.42
CA SER A 19 20.33 33.30 -28.69
C SER A 19 20.82 31.87 -28.52
N GLU A 20 20.24 30.94 -29.29
CA GLU A 20 20.67 29.55 -29.26
C GLU A 20 22.17 29.42 -29.49
N THR A 21 22.77 30.39 -30.17
CA THR A 21 24.20 30.37 -30.44
C THR A 21 25.01 30.84 -29.22
N THR A 22 24.49 31.81 -28.48
CA THR A 22 25.23 32.41 -27.37
C THR A 22 24.90 31.74 -26.03
N GLY A 23 23.61 31.55 -25.76
CA GLY A 23 23.18 31.22 -24.43
C GLY A 23 22.92 32.49 -23.65
N LEU A 24 22.68 32.32 -22.35
CA LEU A 24 22.41 33.45 -21.49
C LEU A 24 23.69 34.20 -21.16
N THR A 25 23.61 35.53 -21.18
CA THR A 25 24.70 36.35 -20.68
C THR A 25 24.83 36.14 -19.17
N PRO A 26 26.01 36.44 -18.61
CA PRO A 26 26.13 36.33 -17.14
C PRO A 26 25.13 37.20 -16.40
N ASP A 27 24.74 38.34 -16.97
CA ASP A 27 23.70 39.16 -16.35
C ASP A 27 22.34 38.50 -16.45
N GLN A 28 22.05 37.83 -17.57
CA GLN A 28 20.78 37.13 -17.70
C GLN A 28 20.66 36.01 -16.67
N VAL A 29 21.76 35.31 -16.39
CA VAL A 29 21.75 34.27 -15.36
C VAL A 29 21.40 34.87 -14.00
N LYS A 30 21.97 36.04 -13.70
CA LYS A 30 21.71 36.70 -12.42
C LYS A 30 20.22 36.97 -12.24
N ARG A 31 19.58 37.54 -13.27
CA ARG A 31 18.17 37.93 -13.13
C ARG A 31 17.26 36.71 -13.08
N HIS A 32 17.46 35.75 -14.01
CA HIS A 32 16.62 34.56 -14.02
C HIS A 32 16.76 33.76 -12.74
N LEU A 33 17.93 33.82 -12.09
CA LEU A 33 18.14 33.07 -10.87
C LEU A 33 17.30 33.62 -9.73
N GLU A 34 17.26 34.95 -9.58
CA GLU A 34 16.44 35.56 -8.54
C GLU A 34 14.95 35.38 -8.82
N LYS A 35 14.55 35.40 -10.08
CA LYS A 35 13.14 35.28 -10.42
C LYS A 35 12.63 33.85 -10.28
N TYR A 36 13.47 32.85 -10.55
CA TYR A 36 13.04 31.46 -10.58
C TYR A 36 13.68 30.61 -9.49
N GLY A 37 14.61 31.17 -8.71
CA GLY A 37 15.26 30.38 -7.69
C GLY A 37 16.20 29.33 -8.30
N HIS A 38 16.71 28.49 -7.42
CA HIS A 38 17.64 27.46 -7.84
C HIS A 38 16.91 26.22 -8.32
N ASN A 39 17.64 25.36 -9.04
CA ASN A 39 17.07 24.18 -9.67
C ASN A 39 17.18 22.99 -8.71
N GLU A 40 16.27 22.97 -7.74
CA GLU A 40 16.30 21.93 -6.71
C GLU A 40 14.95 21.86 -6.04
N LEU A 41 14.50 20.63 -5.74
CA LEU A 41 13.35 20.44 -4.88
C LEU A 41 13.67 20.98 -3.49
N PRO A 42 12.68 21.53 -2.78
CA PRO A 42 12.98 22.13 -1.48
C PRO A 42 13.59 21.12 -0.52
N ALA A 43 14.67 21.54 0.13
CA ALA A 43 15.25 20.72 1.20
C ALA A 43 14.20 20.49 2.27
N GLU A 44 13.85 19.22 2.49
CA GLU A 44 12.81 18.91 3.45
C GLU A 44 13.21 19.40 4.84
N GLU A 45 12.25 19.95 5.57
CA GLU A 45 12.47 20.43 6.92
C GLU A 45 11.97 19.36 7.88
N GLY A 46 12.82 18.36 8.13
CA GLY A 46 12.49 17.26 9.01
C GLY A 46 12.59 17.65 10.48
N LYS A 47 12.51 16.63 11.33
CA LYS A 47 12.54 16.81 12.77
C LYS A 47 13.91 16.48 13.34
N SER A 48 14.09 16.78 14.62
CA SER A 48 15.33 16.54 15.34
C SER A 48 15.06 15.64 16.54
N LEU A 49 16.12 15.32 17.27
CA LEU A 49 16.00 14.45 18.43
C LEU A 49 15.26 15.16 19.57
N TRP A 50 15.57 16.44 19.80
CA TRP A 50 14.92 17.18 20.88
C TRP A 50 13.41 17.27 20.68
N GLU A 51 12.96 17.32 19.43
CA GLU A 51 11.53 17.37 19.17
C GLU A 51 10.88 16.00 19.34
N LEU A 52 11.58 14.93 18.94
CA LEU A 52 11.03 13.59 19.07
C LEU A 52 10.72 13.25 20.52
N VAL A 53 11.61 13.63 21.44
CA VAL A 53 11.38 13.34 22.85
C VAL A 53 10.12 14.03 23.34
N ILE A 54 9.90 15.27 22.90
CA ILE A 54 8.68 15.98 23.30
C ILE A 54 7.45 15.32 22.70
N GLU A 55 7.59 14.75 21.50
CA GLU A 55 6.47 14.02 20.91
C GLU A 55 6.09 12.81 21.75
N GLN A 56 7.10 12.11 22.30
CA GLN A 56 6.84 10.95 23.15
C GLN A 56 6.20 11.34 24.47
N PHE A 57 6.37 12.59 24.92
CA PHE A 57 5.83 13.06 26.18
C PHE A 57 4.75 14.11 26.01
N GLU A 58 4.25 14.32 24.80
CA GLU A 58 3.06 15.16 24.64
C GLU A 58 1.77 14.38 24.71
N ASP A 59 1.82 13.08 24.46
CA ASP A 59 0.62 12.27 24.50
C ASP A 59 -0.01 12.30 25.89
N LEU A 60 -1.31 12.59 25.91
CA LEU A 60 -2.13 12.62 27.11
C LEU A 60 -1.78 11.50 28.11
N LEU A 61 -1.85 10.24 27.67
CA LEU A 61 -1.69 9.14 28.61
C LEU A 61 -0.27 9.07 29.19
N VAL A 62 0.77 9.33 28.38
CA VAL A 62 2.12 9.50 28.94
C VAL A 62 2.23 10.79 29.78
N ARG A 63 1.52 11.87 29.41
CA ARG A 63 1.47 13.04 30.27
C ARG A 63 0.89 12.70 31.64
N ILE A 64 -0.27 12.02 31.67
CA ILE A 64 -0.88 11.63 32.94
C ILE A 64 0.06 10.72 33.72
N LEU A 65 0.80 9.84 33.03
CA LEU A 65 1.75 8.98 33.73
C LEU A 65 2.97 9.75 34.19
N LEU A 66 3.44 10.70 33.39
CA LEU A 66 4.60 11.50 33.78
C LEU A 66 4.31 12.26 35.07
N LEU A 67 3.12 12.86 35.17
CA LEU A 67 2.72 13.51 36.41
C LEU A 67 2.68 12.52 37.57
N ALA A 68 2.24 11.28 37.30
CA ALA A 68 2.10 10.27 38.33
C ALA A 68 3.43 9.79 38.89
N ALA A 69 4.55 10.22 38.33
CA ALA A 69 5.85 9.98 38.92
C ALA A 69 6.45 11.21 39.58
N CYS A 70 5.93 12.40 39.26
CA CYS A 70 6.26 13.61 39.98
C CYS A 70 5.43 13.77 41.25
N ILE A 71 4.55 12.81 41.54
CA ILE A 71 3.89 12.72 42.82
C ILE A 71 4.42 11.55 43.63
N SER A 72 4.75 10.45 42.96
CA SER A 72 5.38 9.32 43.64
C SER A 72 6.79 9.66 44.09
N PHE A 73 7.47 10.57 43.37
CA PHE A 73 8.81 10.99 43.77
C PHE A 73 8.75 11.90 44.99
N VAL A 74 7.76 12.79 45.04
CA VAL A 74 7.56 13.61 46.23
C VAL A 74 7.30 12.73 47.44
N LEU A 75 6.48 11.70 47.27
CA LEU A 75 6.14 10.80 48.37
C LEU A 75 7.21 9.73 48.61
N ALA A 76 8.43 9.95 48.12
CA ALA A 76 9.57 9.11 48.44
C ALA A 76 10.60 9.85 49.27
N TRP A 77 10.93 11.09 48.89
CA TRP A 77 11.72 11.96 49.76
C TRP A 77 10.94 12.31 51.02
N PHE A 78 9.62 12.51 50.90
CA PHE A 78 8.76 12.86 52.01
C PHE A 78 8.15 11.65 52.71
N GLU A 79 8.63 10.44 52.41
CA GLU A 79 8.24 9.24 53.11
C GLU A 79 9.51 8.57 53.62
N GLU A 80 9.42 7.98 54.82
CA GLU A 80 10.61 7.35 55.40
C GLU A 80 11.01 6.15 54.55
N GLY A 81 11.90 6.39 53.59
CA GLY A 81 12.50 5.34 52.79
C GLY A 81 13.68 4.68 53.44
N GLU A 82 13.93 4.97 54.72
CA GLU A 82 15.01 4.36 55.48
C GLU A 82 14.55 3.08 56.18
N GLU A 83 13.32 3.06 56.69
CA GLU A 83 12.73 1.83 57.18
C GLU A 83 12.38 0.88 56.05
N THR A 84 12.15 1.41 54.85
CA THR A 84 11.86 0.62 53.65
C THR A 84 12.67 1.26 52.51
N ILE A 85 13.90 0.79 52.33
CA ILE A 85 14.71 1.24 51.21
C ILE A 85 14.07 0.86 49.87
N THR A 86 13.00 0.06 49.91
CA THR A 86 12.18 -0.23 48.74
C THR A 86 11.13 0.84 48.52
N ALA A 87 11.41 2.08 48.95
CA ALA A 87 10.43 3.15 48.83
C ALA A 87 10.60 3.96 47.54
N PHE A 88 11.84 4.33 47.21
CA PHE A 88 12.12 5.13 46.03
C PHE A 88 11.99 4.36 44.72
N VAL A 89 11.37 3.18 44.73
CA VAL A 89 11.23 2.40 43.50
C VAL A 89 9.93 2.71 42.76
N GLU A 90 8.86 3.06 43.49
CA GLU A 90 7.61 3.38 42.82
C GLU A 90 7.69 4.55 41.87
N PRO A 91 8.33 5.69 42.21
CA PRO A 91 8.48 6.75 41.21
C PRO A 91 9.48 6.43 40.12
N PHE A 92 10.44 5.54 40.40
CA PHE A 92 11.54 5.30 39.49
C PHE A 92 11.16 4.36 38.35
N VAL A 93 10.28 3.39 38.60
CA VAL A 93 9.89 2.45 37.55
C VAL A 93 9.00 3.12 36.52
N ILE A 94 8.15 4.06 36.95
CA ILE A 94 7.25 4.73 36.02
C ILE A 94 8.04 5.48 34.95
N LEU A 95 9.05 6.25 35.37
CA LEU A 95 9.87 6.97 34.41
C LEU A 95 10.61 6.02 33.48
N LEU A 96 11.04 4.87 34.00
CA LEU A 96 11.81 3.91 33.21
C LEU A 96 11.03 3.41 32.00
N ILE A 97 9.70 3.42 32.06
CA ILE A 97 8.89 2.96 30.93
C ILE A 97 8.60 4.09 29.96
N LEU A 98 8.27 5.28 30.47
CA LEU A 98 8.14 6.43 29.59
C LEU A 98 9.46 6.71 28.86
N ILE A 99 10.58 6.33 29.46
CA ILE A 99 11.86 6.45 28.79
C ILE A 99 12.03 5.36 27.74
N ALA A 100 11.72 4.11 28.09
CA ALA A 100 11.82 3.01 27.14
C ALA A 100 10.83 3.20 26.00
N ASN A 101 9.58 3.55 26.31
CA ASN A 101 8.60 3.79 25.27
C ASN A 101 9.03 4.95 24.36
N ALA A 102 9.64 5.98 24.94
CA ALA A 102 10.16 7.08 24.13
C ALA A 102 11.27 6.59 23.21
N ILE A 103 12.11 5.67 23.70
CA ILE A 103 13.17 5.11 22.87
C ILE A 103 12.58 4.27 21.74
N VAL A 104 11.52 3.52 22.03
CA VAL A 104 10.86 2.75 20.99
C VAL A 104 10.23 3.68 19.96
N GLY A 105 9.73 4.84 20.40
CA GLY A 105 9.06 5.76 19.51
C GLY A 105 9.98 6.47 18.53
N VAL A 106 11.28 6.33 18.66
CA VAL A 106 12.23 7.05 17.83
C VAL A 106 12.99 6.12 16.88
N TRP A 107 13.36 4.92 17.33
CA TRP A 107 13.92 3.98 16.36
C TRP A 107 12.86 3.45 15.40
N GLN A 108 11.59 3.74 15.66
CA GLN A 108 10.53 3.61 14.66
C GLN A 108 10.55 4.77 13.66
N GLU A 109 11.54 5.65 13.74
CA GLU A 109 11.54 6.87 12.93
C GLU A 109 12.86 7.09 12.20
N ARG A 110 13.99 6.72 12.80
CA ARG A 110 15.26 6.83 12.08
C ARG A 110 15.25 5.97 10.83
N ASN A 111 14.60 4.81 10.90
CA ASN A 111 14.50 3.92 9.76
C ASN A 111 13.43 4.36 8.76
N ALA A 112 12.46 5.15 9.19
CA ALA A 112 11.35 5.53 8.33
C ALA A 112 11.85 6.30 7.11
N GLU A 113 11.48 5.81 5.93
CA GLU A 113 11.96 6.38 4.68
C GLU A 113 10.96 7.40 4.13
N ASN A 114 11.49 8.53 3.68
CA ASN A 114 10.69 9.58 3.07
C ASN A 114 10.57 9.31 1.57
N ALA A 115 9.33 9.36 1.07
CA ALA A 115 9.10 9.13 -0.36
C ALA A 115 9.57 10.30 -1.20
N ILE A 116 9.55 11.50 -0.64
CA ILE A 116 10.01 12.68 -1.39
C ILE A 116 11.51 12.65 -1.57
N GLU A 117 12.25 12.17 -0.56
CA GLU A 117 13.69 12.07 -0.68
C GLU A 117 14.11 11.09 -1.78
N ALA A 118 13.28 10.07 -2.04
CA ALA A 118 13.56 9.16 -3.14
C ALA A 118 13.47 9.83 -4.50
N LEU A 119 12.69 10.92 -4.61
CA LEU A 119 12.70 11.70 -5.83
C LEU A 119 14.05 12.35 -6.08
N LYS A 120 14.79 12.65 -5.02
CA LYS A 120 16.05 13.37 -5.15
C LYS A 120 17.21 12.50 -5.62
N GLU A 121 16.96 11.22 -5.93
CA GLU A 121 17.92 10.48 -6.74
C GLU A 121 17.94 11.01 -8.16
N TYR A 122 16.77 11.22 -8.74
CA TYR A 122 16.60 11.74 -10.10
C TYR A 122 17.03 13.18 -10.23
N GLU A 123 17.60 13.74 -9.18
CA GLU A 123 18.34 14.98 -9.26
C GLU A 123 19.81 14.63 -9.52
N PRO A 124 20.28 14.74 -10.76
CA PRO A 124 21.71 14.57 -11.01
C PRO A 124 22.48 15.73 -10.43
N GLU A 125 23.78 15.52 -10.23
CA GLU A 125 24.60 16.57 -9.64
C GLU A 125 25.09 17.58 -10.66
N MET A 126 25.36 17.15 -11.88
CA MET A 126 25.97 18.03 -12.88
C MET A 126 25.08 18.16 -14.11
N GLY A 127 25.49 19.05 -14.99
CA GLY A 127 24.79 19.31 -16.24
C GLY A 127 25.59 20.26 -17.13
N LYS A 128 25.44 20.15 -18.44
CA LYS A 128 26.22 20.92 -19.40
C LYS A 128 25.36 22.04 -19.97
N VAL A 129 25.92 23.26 -19.98
CA VAL A 129 25.21 24.43 -20.50
C VAL A 129 26.14 25.24 -21.40
N TYR A 130 25.53 26.12 -22.19
CA TYR A 130 26.25 27.09 -23.01
C TYR A 130 25.77 28.49 -22.64
N ARG A 131 26.72 29.37 -22.32
CA ARG A 131 26.41 30.74 -21.93
C ARG A 131 27.37 31.68 -22.65
N ALA A 132 27.21 32.98 -22.40
CA ALA A 132 27.92 33.99 -23.18
C ALA A 132 29.41 34.02 -22.84
N ASP A 133 29.76 33.95 -21.55
CA ASP A 133 31.13 34.20 -21.11
C ASP A 133 32.13 33.21 -21.69
N ARG A 134 31.69 32.08 -22.21
CA ARG A 134 32.59 31.09 -22.78
C ARG A 134 31.98 30.49 -24.03
N LYS A 135 32.84 30.09 -24.97
CA LYS A 135 32.37 29.50 -26.21
C LYS A 135 32.25 27.97 -26.12
N SER A 136 33.05 27.33 -25.27
CA SER A 136 32.94 25.90 -25.07
C SER A 136 31.85 25.59 -24.05
N VAL A 137 31.54 24.31 -23.90
CA VAL A 137 30.49 23.88 -23.00
C VAL A 137 31.01 23.90 -21.56
N GLN A 138 30.12 24.20 -20.62
CA GLN A 138 30.46 24.32 -19.21
C GLN A 138 29.68 23.27 -18.42
N ARG A 139 30.41 22.33 -17.81
CA ARG A 139 29.80 21.31 -16.95
C ARG A 139 29.64 21.92 -15.56
N ILE A 140 28.49 22.53 -15.32
CA ILE A 140 28.23 23.23 -14.08
C ILE A 140 27.28 22.40 -13.21
N LYS A 141 27.19 22.77 -11.94
CA LYS A 141 26.34 22.03 -11.01
C LYS A 141 24.88 22.18 -11.40
N ALA A 142 24.13 21.08 -11.28
CA ALA A 142 22.77 21.03 -11.79
C ALA A 142 21.87 22.05 -11.08
N ARG A 143 22.08 22.25 -9.77
CA ARG A 143 21.23 23.16 -9.03
C ARG A 143 21.38 24.61 -9.49
N ASP A 144 22.45 24.93 -10.20
CA ASP A 144 22.71 26.28 -10.66
C ASP A 144 22.15 26.57 -12.04
N ILE A 145 21.36 25.64 -12.60
CA ILE A 145 20.78 25.80 -13.94
C ILE A 145 19.48 26.57 -13.82
N VAL A 146 19.28 27.51 -14.75
CA VAL A 146 18.18 28.47 -14.68
C VAL A 146 17.33 28.35 -15.94
N PRO A 147 16.04 28.68 -15.90
CA PRO A 147 15.24 28.64 -17.13
C PRO A 147 15.76 29.63 -18.17
N GLY A 148 15.56 29.28 -19.43
CA GLY A 148 16.12 30.03 -20.53
C GLY A 148 17.54 29.68 -20.87
N ASP A 149 18.09 28.63 -20.27
CA ASP A 149 19.46 28.21 -20.50
C ASP A 149 19.53 27.27 -21.70
N ILE A 150 20.56 27.45 -22.52
CA ILE A 150 20.84 26.52 -23.60
C ILE A 150 21.64 25.35 -23.01
N VAL A 151 21.08 24.15 -23.09
CA VAL A 151 21.59 22.99 -22.37
C VAL A 151 21.81 21.84 -23.34
N GLU A 152 22.93 21.14 -23.16
CA GLU A 152 23.29 19.99 -23.98
C GLU A 152 23.18 18.71 -23.18
N VAL A 153 22.79 17.63 -23.86
CA VAL A 153 22.73 16.30 -23.26
C VAL A 153 23.21 15.27 -24.28
N ALA A 154 23.63 14.13 -23.76
CA ALA A 154 24.03 13.00 -24.59
C ALA A 154 23.79 11.72 -23.79
N VAL A 155 24.20 10.59 -24.36
CA VAL A 155 23.90 9.28 -23.80
C VAL A 155 24.36 9.19 -22.35
N GLY A 156 23.59 8.47 -21.53
CA GLY A 156 23.97 8.24 -20.14
C GLY A 156 23.64 9.38 -19.21
N ASP A 157 23.54 10.60 -19.76
CA ASP A 157 23.26 11.77 -18.94
C ASP A 157 21.85 11.72 -18.39
N LYS A 158 21.71 12.23 -17.16
CA LYS A 158 20.40 12.41 -16.54
C LYS A 158 19.92 13.83 -16.79
N VAL A 159 18.73 13.95 -17.36
CA VAL A 159 18.15 15.25 -17.72
C VAL A 159 17.96 16.07 -16.44
N PRO A 160 18.54 17.27 -16.36
CA PRO A 160 18.55 18.02 -15.09
C PRO A 160 17.42 19.04 -14.96
N ALA A 161 16.68 19.30 -16.04
CA ALA A 161 15.58 20.25 -15.98
C ALA A 161 14.61 19.94 -17.11
N ASP A 162 13.39 20.46 -16.97
CA ASP A 162 12.41 20.33 -18.04
C ASP A 162 12.86 21.16 -19.24
N ILE A 163 13.11 20.49 -20.37
CA ILE A 163 13.84 21.07 -21.49
C ILE A 163 13.00 20.96 -22.76
N ARG A 164 12.88 22.08 -23.48
CA ARG A 164 12.38 22.09 -24.86
C ARG A 164 13.56 21.92 -25.80
N ILE A 165 13.41 21.02 -26.78
CA ILE A 165 14.52 20.66 -27.65
C ILE A 165 14.58 21.64 -28.80
N LEU A 166 15.80 22.00 -29.20
CA LEU A 166 16.04 22.96 -30.26
C LEU A 166 16.62 22.32 -31.51
N SER A 167 17.74 21.61 -31.38
CA SER A 167 18.37 20.91 -32.50
C SER A 167 18.84 19.56 -32.00
N ILE A 168 18.55 18.51 -32.77
CA ILE A 168 18.96 17.14 -32.43
C ILE A 168 20.16 16.81 -33.32
N LYS A 169 21.37 16.97 -32.76
CA LYS A 169 22.62 16.80 -33.48
C LYS A 169 22.95 15.33 -33.76
N SER A 170 21.96 14.45 -33.76
CA SER A 170 22.16 13.05 -34.09
C SER A 170 21.08 12.61 -35.06
N THR A 171 21.34 11.51 -35.77
CA THR A 171 20.36 10.97 -36.70
C THR A 171 19.05 10.63 -36.01
N THR A 172 19.09 10.37 -34.70
CA THR A 172 17.90 10.10 -33.93
C THR A 172 18.20 10.42 -32.47
N LEU A 173 17.13 10.60 -31.70
CA LEU A 173 17.23 10.86 -30.27
C LEU A 173 16.21 10.00 -29.54
N ARG A 174 16.68 9.24 -28.56
CA ARG A 174 15.84 8.34 -27.80
C ARG A 174 16.03 8.59 -26.31
N VAL A 175 14.95 8.42 -25.54
CA VAL A 175 14.91 8.79 -24.14
C VAL A 175 14.30 7.65 -23.33
N ASP A 176 14.84 7.42 -22.13
CA ASP A 176 14.34 6.39 -21.22
C ASP A 176 13.51 7.08 -20.14
N GLN A 177 12.21 7.21 -20.41
CA GLN A 177 11.28 7.81 -19.45
C GLN A 177 10.65 6.77 -18.54
N SER A 178 11.46 5.84 -18.04
CA SER A 178 10.95 4.74 -17.22
C SER A 178 10.69 5.16 -15.78
N ILE A 179 11.45 6.14 -15.26
CA ILE A 179 11.21 6.58 -13.90
C ILE A 179 9.80 7.16 -13.78
N LEU A 180 9.28 7.77 -14.84
CA LEU A 180 7.96 8.37 -14.78
C LEU A 180 6.88 7.31 -14.79
N THR A 181 6.98 6.34 -15.71
CA THR A 181 5.92 5.38 -15.95
C THR A 181 6.24 3.96 -15.47
N GLY A 182 7.51 3.58 -15.39
CA GLY A 182 7.87 2.21 -15.12
C GLY A 182 8.03 1.34 -16.34
N GLU A 183 7.96 1.92 -17.53
CA GLU A 183 8.05 1.18 -18.79
C GLU A 183 9.51 0.83 -19.08
N SER A 184 9.78 0.39 -20.32
CA SER A 184 11.10 -0.11 -20.67
C SER A 184 11.42 0.08 -22.14
N VAL A 185 10.77 1.03 -22.82
CA VAL A 185 10.98 1.25 -24.24
C VAL A 185 11.37 2.71 -24.44
N SER A 186 12.54 2.93 -25.03
CA SER A 186 12.98 4.27 -25.37
C SER A 186 12.02 4.89 -26.40
N VAL A 187 11.84 6.20 -26.28
CA VAL A 187 10.91 6.94 -27.14
C VAL A 187 11.70 7.86 -28.05
N ILE A 188 11.22 8.03 -29.27
CA ILE A 188 11.87 8.93 -30.23
C ILE A 188 11.37 10.34 -29.98
N LYS A 189 12.29 11.30 -30.00
CA LYS A 189 11.97 12.71 -29.82
C LYS A 189 12.10 13.45 -31.15
N HIS A 190 11.25 14.47 -31.30
CA HIS A 190 11.37 15.37 -32.44
C HIS A 190 11.57 16.81 -31.96
N THR A 191 11.21 17.76 -32.83
CA THR A 191 11.38 19.16 -32.50
C THR A 191 10.19 20.03 -32.90
N GLU A 192 9.27 19.55 -33.73
CA GLU A 192 8.12 20.34 -34.09
C GLU A 192 7.25 20.60 -32.86
N PRO A 193 6.62 21.76 -32.78
CA PRO A 193 5.75 22.06 -31.64
C PRO A 193 4.55 21.12 -31.60
N VAL A 194 4.06 20.89 -30.38
CA VAL A 194 2.89 20.04 -30.15
C VAL A 194 1.68 20.96 -29.98
N PRO A 195 0.65 20.86 -30.84
CA PRO A 195 -0.36 21.92 -30.90
C PRO A 195 -1.13 22.11 -29.60
N ASP A 196 -1.66 21.03 -29.03
CA ASP A 196 -2.51 21.09 -27.85
C ASP A 196 -1.73 21.64 -26.66
N PRO A 197 -2.11 22.81 -26.13
CA PRO A 197 -1.43 23.31 -24.93
C PRO A 197 -1.75 22.51 -23.69
N ARG A 198 -2.95 21.92 -23.61
CA ARG A 198 -3.35 21.10 -22.48
C ARG A 198 -3.12 19.62 -22.75
N ALA A 199 -2.00 19.27 -23.37
CA ALA A 199 -1.72 17.91 -23.76
C ALA A 199 -0.90 17.17 -22.70
N VAL A 200 -1.04 15.84 -22.68
CA VAL A 200 -0.38 14.99 -21.69
C VAL A 200 1.11 14.88 -21.99
N ASN A 201 1.84 14.21 -21.11
CA ASN A 201 3.29 14.15 -21.23
C ASN A 201 3.75 13.18 -22.32
N GLN A 202 3.03 12.06 -22.50
CA GLN A 202 3.40 11.11 -23.53
C GLN A 202 3.25 11.70 -24.93
N ASP A 203 2.51 12.80 -25.07
CA ASP A 203 2.38 13.51 -26.34
C ASP A 203 3.32 14.69 -26.45
N LYS A 204 4.12 14.97 -25.41
CA LYS A 204 5.10 16.05 -25.48
C LYS A 204 6.39 15.51 -26.10
N LYS A 205 6.28 15.15 -27.39
CA LYS A 205 7.37 14.54 -28.12
C LYS A 205 8.56 15.46 -28.35
N ASN A 206 8.52 16.72 -27.88
CA ASN A 206 9.62 17.65 -28.03
C ASN A 206 10.18 18.13 -26.70
N MET A 207 9.75 17.53 -25.59
CA MET A 207 10.18 17.93 -24.26
C MET A 207 11.14 16.89 -23.68
N LEU A 208 12.07 17.38 -22.85
CA LEU A 208 12.95 16.53 -22.07
C LEU A 208 12.64 16.73 -20.59
N PHE A 209 12.36 15.64 -19.89
CA PHE A 209 11.84 15.69 -18.53
C PHE A 209 12.97 15.51 -17.53
N SER A 210 13.01 16.39 -16.53
CA SER A 210 14.05 16.32 -15.50
C SER A 210 13.96 15.00 -14.75
N GLY A 211 15.09 14.29 -14.69
CA GLY A 211 15.19 13.04 -13.97
C GLY A 211 15.23 11.81 -14.86
N THR A 212 14.83 11.94 -16.12
CA THR A 212 14.86 10.82 -17.04
C THR A 212 16.20 10.76 -17.77
N ASN A 213 16.55 9.56 -18.23
CA ASN A 213 17.87 9.29 -18.79
C ASN A 213 17.82 9.32 -20.31
N ILE A 214 18.97 9.66 -20.90
CA ILE A 214 19.11 9.76 -22.35
C ILE A 214 19.53 8.40 -22.89
N ALA A 215 18.64 7.76 -23.66
CA ALA A 215 18.91 6.41 -24.15
C ALA A 215 19.87 6.42 -25.34
N ALA A 216 19.67 7.32 -26.30
CA ALA A 216 20.48 7.34 -27.50
C ALA A 216 20.55 8.75 -28.06
N GLY A 217 21.69 9.07 -28.65
CA GLY A 217 21.84 10.33 -29.36
C GLY A 217 22.33 11.46 -28.49
N LYS A 218 22.32 12.65 -29.10
CA LYS A 218 22.80 13.87 -28.47
C LYS A 218 22.02 15.04 -29.06
N ALA A 219 21.54 15.93 -28.21
CA ALA A 219 20.69 17.02 -28.67
C ALA A 219 20.90 18.25 -27.80
N LEU A 220 20.46 19.39 -28.32
CA LEU A 220 20.54 20.68 -27.66
C LEU A 220 19.13 21.17 -27.37
N GLY A 221 18.99 22.01 -26.35
CA GLY A 221 17.67 22.47 -25.98
C GLY A 221 17.72 23.65 -25.02
N ILE A 222 16.55 24.25 -24.82
CA ILE A 222 16.37 25.37 -23.91
C ILE A 222 15.52 24.90 -22.74
N VAL A 223 15.79 25.47 -21.56
CA VAL A 223 15.19 25.00 -20.31
C VAL A 223 13.86 25.73 -20.10
N ALA A 224 12.78 24.96 -19.97
CA ALA A 224 11.46 25.55 -19.77
C ALA A 224 11.24 25.92 -18.31
N THR A 225 11.34 24.95 -17.41
CA THR A 225 11.14 25.18 -15.99
C THR A 225 12.21 24.44 -15.19
N THR A 226 12.38 24.86 -13.95
CA THR A 226 13.33 24.27 -13.03
C THR A 226 12.68 24.05 -11.67
N GLY A 227 13.37 23.30 -10.82
CA GLY A 227 12.95 23.18 -9.43
C GLY A 227 11.61 22.48 -9.30
N VAL A 228 10.68 23.14 -8.61
CA VAL A 228 9.40 22.53 -8.29
C VAL A 228 8.39 22.68 -9.42
N SER A 229 8.71 23.48 -10.43
CA SER A 229 7.84 23.70 -11.59
C SER A 229 7.99 22.62 -12.66
N THR A 230 8.98 21.74 -12.54
CA THR A 230 9.16 20.67 -13.51
C THR A 230 8.04 19.64 -13.37
N GLU A 231 8.07 18.62 -14.22
CA GLU A 231 7.04 17.59 -14.17
C GLU A 231 7.17 16.76 -12.89
N ILE A 232 8.40 16.35 -12.56
CA ILE A 232 8.61 15.62 -11.31
C ILE A 232 8.47 16.56 -10.12
N GLY A 233 8.90 17.81 -10.26
CA GLY A 233 8.66 18.78 -9.21
C GLY A 233 7.20 19.07 -8.98
N LYS A 234 6.39 19.02 -10.04
CA LYS A 234 4.94 19.14 -9.89
C LYS A 234 4.35 17.99 -9.09
N ILE A 235 5.08 16.88 -8.98
CA ILE A 235 4.61 15.71 -8.23
C ILE A 235 5.01 15.80 -6.76
N ARG A 236 6.20 16.33 -6.48
CA ARG A 236 6.64 16.50 -5.10
C ARG A 236 5.64 17.34 -4.31
N ASP A 237 5.22 18.47 -4.88
CA ASP A 237 4.23 19.30 -4.22
C ASP A 237 2.86 18.65 -4.16
N GLN A 238 2.66 17.54 -4.88
CA GLN A 238 1.41 16.79 -4.74
C GLN A 238 1.44 15.89 -3.51
N MET A 239 2.60 15.30 -3.21
CA MET A 239 2.70 14.51 -1.98
C MET A 239 2.85 15.41 -0.75
N ALA A 240 3.57 16.53 -0.90
CA ALA A 240 3.71 17.46 0.22
C ALA A 240 2.38 18.02 0.70
N ALA A 241 1.31 17.84 -0.07
CA ALA A 241 -0.02 18.24 0.34
C ALA A 241 -0.87 17.08 0.84
N THR A 242 -0.41 15.84 0.67
CA THR A 242 -1.24 14.67 0.96
C THR A 242 -1.36 14.47 2.46
N GLU A 243 -2.55 14.71 3.00
CA GLU A 243 -2.85 14.46 4.41
C GLU A 243 -3.29 13.00 4.53
N GLN A 244 -2.35 12.11 4.81
CA GLN A 244 -2.70 10.72 5.10
C GLN A 244 -3.21 10.62 6.52
N ASP A 245 -4.45 10.15 6.68
CA ASP A 245 -5.12 10.17 7.97
C ASP A 245 -4.65 9.03 8.85
N LYS A 246 -5.05 9.10 10.12
CA LYS A 246 -4.77 8.02 11.06
C LYS A 246 -5.61 6.80 10.74
N THR A 247 -5.03 5.62 10.97
CA THR A 247 -5.77 4.38 10.84
C THR A 247 -6.97 4.40 11.79
N PRO A 248 -8.02 3.63 11.50
CA PRO A 248 -9.22 3.70 12.36
C PRO A 248 -8.92 3.32 13.79
N LEU A 249 -8.17 2.24 14.00
CA LEU A 249 -7.76 1.84 15.35
C LEU A 249 -7.07 2.98 16.07
N GLN A 250 -6.19 3.70 15.38
CA GLN A 250 -5.54 4.86 15.98
C GLN A 250 -6.57 5.89 16.45
N GLN A 251 -7.62 6.10 15.66
CA GLN A 251 -8.67 7.04 16.08
C GLN A 251 -9.46 6.49 17.26
N LYS A 252 -9.70 5.17 17.28
CA LYS A 252 -10.34 4.55 18.43
C LYS A 252 -9.49 4.75 19.68
N LEU A 253 -8.20 4.41 19.60
CA LEU A 253 -7.31 4.59 20.74
C LEU A 253 -7.21 6.05 21.13
N ASP A 254 -7.11 6.95 20.15
CA ASP A 254 -7.11 8.38 20.46
C ASP A 254 -8.42 8.78 21.15
N GLU A 255 -9.54 8.24 20.68
CA GLU A 255 -10.81 8.57 21.33
C GLU A 255 -10.93 7.88 22.68
N PHE A 256 -10.43 6.65 22.80
CA PHE A 256 -10.42 5.97 24.08
C PHE A 256 -9.54 6.71 25.09
N GLY A 257 -8.30 7.01 24.70
CA GLY A 257 -7.41 7.75 25.57
C GLY A 257 -7.95 9.12 25.93
N GLU A 258 -8.66 9.77 24.99
CA GLU A 258 -9.28 11.05 25.31
C GLU A 258 -10.39 10.86 26.34
N GLN A 259 -11.12 9.76 26.26
CA GLN A 259 -12.15 9.47 27.24
C GLN A 259 -11.56 8.90 28.53
N LEU A 260 -10.50 8.11 28.42
CA LEU A 260 -9.88 7.54 29.63
C LEU A 260 -9.30 8.62 30.53
N SER A 261 -8.85 9.73 29.96
CA SER A 261 -8.33 10.82 30.77
C SER A 261 -9.46 11.53 31.52
N LYS A 262 -10.50 11.94 30.81
CA LYS A 262 -11.64 12.58 31.46
C LYS A 262 -12.34 11.65 32.44
N VAL A 263 -12.16 10.34 32.31
CA VAL A 263 -12.79 9.40 33.23
C VAL A 263 -11.98 9.26 34.51
N ILE A 264 -10.65 9.24 34.39
CA ILE A 264 -9.79 9.19 35.58
C ILE A 264 -10.09 10.36 36.50
N SER A 265 -10.11 11.58 35.92
CA SER A 265 -10.39 12.77 36.72
C SER A 265 -11.78 12.71 37.35
N LEU A 266 -12.74 12.11 36.63
CA LEU A 266 -14.10 11.99 37.17
C LEU A 266 -14.10 11.22 38.48
N ILE A 267 -13.22 10.24 38.63
CA ILE A 267 -13.18 9.45 39.85
C ILE A 267 -12.40 10.17 40.93
N CYS A 268 -11.32 10.88 40.56
CA CYS A 268 -10.56 11.65 41.54
C CYS A 268 -11.44 12.66 42.25
N VAL A 269 -12.33 13.33 41.53
CA VAL A 269 -13.26 14.25 42.17
C VAL A 269 -14.26 13.49 43.02
N ALA A 270 -14.64 12.29 42.62
CA ALA A 270 -15.59 11.50 43.40
C ALA A 270 -14.99 11.08 44.74
N VAL A 271 -13.71 10.71 44.75
CA VAL A 271 -13.06 10.31 46.00
C VAL A 271 -13.08 11.44 47.00
N TRP A 272 -12.73 12.64 46.55
CA TRP A 272 -12.78 13.81 47.42
C TRP A 272 -14.19 14.13 47.88
N LEU A 273 -15.21 13.64 47.18
CA LEU A 273 -16.59 13.78 47.60
C LEU A 273 -17.05 12.68 48.56
N ILE A 274 -16.28 11.59 48.67
CA ILE A 274 -16.52 10.60 49.71
C ILE A 274 -15.78 10.99 50.99
N ASN A 275 -14.51 11.37 50.86
CA ASN A 275 -13.77 11.89 52.00
C ASN A 275 -13.98 13.39 52.12
N ILE A 276 -15.14 13.87 51.65
CA ILE A 276 -15.69 15.11 52.16
C ILE A 276 -16.31 14.89 53.53
N GLY A 277 -16.34 13.65 54.00
CA GLY A 277 -16.65 13.40 55.39
C GLY A 277 -15.49 13.70 56.31
N HIS A 278 -14.26 13.47 55.83
CA HIS A 278 -13.07 13.95 56.54
C HIS A 278 -12.98 15.47 56.57
N PHE A 279 -13.97 16.16 56.02
CA PHE A 279 -14.06 17.62 56.08
C PHE A 279 -14.57 18.10 57.43
N ASN A 280 -15.09 17.20 58.26
CA ASN A 280 -15.62 17.51 59.57
C ASN A 280 -14.72 17.01 60.70
N ASP A 281 -13.40 17.11 60.53
CA ASP A 281 -12.40 16.66 61.49
C ASP A 281 -11.77 17.84 62.21
N PRO A 282 -11.27 17.62 63.42
CA PRO A 282 -10.62 18.70 64.16
C PRO A 282 -9.32 19.12 63.51
N VAL A 283 -8.94 20.38 63.75
CA VAL A 283 -7.73 20.92 63.12
C VAL A 283 -6.50 20.21 63.65
N HIS A 284 -6.50 19.84 64.93
CA HIS A 284 -5.35 19.18 65.52
C HIS A 284 -5.51 17.66 65.45
N GLY A 285 -4.40 16.96 65.73
CA GLY A 285 -4.41 15.52 65.80
C GLY A 285 -4.11 14.83 64.49
N GLY A 286 -5.06 14.86 63.56
CA GLY A 286 -4.89 14.22 62.28
C GLY A 286 -3.77 14.82 61.45
N SER A 287 -2.68 14.07 61.29
CA SER A 287 -1.57 14.54 60.47
C SER A 287 -2.03 14.76 59.04
N TRP A 288 -2.13 16.03 58.63
CA TRP A 288 -2.47 16.31 57.23
C TRP A 288 -1.39 15.78 56.30
N ILE A 289 -0.14 15.71 56.78
CA ILE A 289 0.90 15.04 56.02
C ILE A 289 0.58 13.56 55.88
N ARG A 290 -0.18 12.99 56.82
CA ARG A 290 -0.60 11.60 56.69
C ARG A 290 -1.86 11.46 55.85
N GLY A 291 -2.70 12.49 55.82
CA GLY A 291 -3.90 12.45 55.01
C GLY A 291 -3.67 12.83 53.56
N ALA A 292 -2.85 13.86 53.33
CA ALA A 292 -2.56 14.28 51.96
C ALA A 292 -1.76 13.20 51.23
N ILE A 293 -0.79 12.60 51.89
CA ILE A 293 -0.01 11.53 51.28
C ILE A 293 -0.93 10.37 50.90
N TYR A 294 -1.94 10.10 51.74
CA TYR A 294 -2.87 9.02 51.44
C TYR A 294 -3.62 9.26 50.14
N TYR A 295 -4.07 10.50 49.92
CA TYR A 295 -4.76 10.80 48.66
C TYR A 295 -3.79 10.75 47.49
N PHE A 296 -2.59 11.29 47.66
CA PHE A 296 -1.62 11.29 46.57
C PHE A 296 -1.10 9.88 46.29
N LYS A 297 -0.82 9.09 47.34
CA LYS A 297 -0.44 7.69 47.11
C LYS A 297 -1.57 6.92 46.44
N ILE A 298 -2.82 7.35 46.65
CA ILE A 298 -3.94 6.70 45.98
C ILE A 298 -4.06 7.18 44.54
N ALA A 299 -3.64 8.42 44.26
CA ALA A 299 -3.77 8.95 42.90
C ALA A 299 -2.72 8.35 41.98
N VAL A 300 -1.47 8.28 42.43
CA VAL A 300 -0.43 7.62 41.63
C VAL A 300 -0.75 6.15 41.45
N ALA A 301 -1.48 5.56 42.41
CA ALA A 301 -1.95 4.20 42.24
C ALA A 301 -3.16 4.12 41.31
N LEU A 302 -3.99 5.16 41.30
CA LEU A 302 -5.20 5.14 40.48
C LEU A 302 -4.87 5.23 39.00
N ALA A 303 -3.90 6.08 38.63
CA ALA A 303 -3.59 6.28 37.21
C ALA A 303 -2.98 5.03 36.59
N VAL A 304 -2.14 4.31 37.35
CA VAL A 304 -1.53 3.09 36.84
C VAL A 304 -2.60 2.06 36.51
N ALA A 305 -3.69 2.04 37.27
CA ALA A 305 -4.72 1.02 37.07
C ALA A 305 -5.51 1.22 35.79
N ALA A 306 -5.66 2.47 35.34
CA ALA A 306 -6.54 2.78 34.21
C ALA A 306 -5.86 2.61 32.86
N ILE A 307 -4.60 3.02 32.74
CA ILE A 307 -3.92 3.07 31.46
C ILE A 307 -3.40 1.68 31.07
N PRO A 308 -3.85 1.12 29.93
CA PRO A 308 -3.25 -0.11 29.42
C PRO A 308 -1.79 0.07 29.04
N GLU A 309 -0.86 -0.16 29.96
CA GLU A 309 0.53 0.19 29.71
C GLU A 309 1.29 -0.86 28.91
N GLY A 310 0.72 -2.04 28.70
CA GLY A 310 1.38 -3.03 27.87
C GLY A 310 0.86 -3.00 26.44
N LEU A 311 -0.34 -2.45 26.28
CA LEU A 311 -0.99 -2.38 24.97
C LEU A 311 -0.14 -1.76 23.88
N PRO A 312 0.65 -0.70 24.12
CA PRO A 312 1.50 -0.18 23.02
C PRO A 312 2.46 -1.20 22.45
N ALA A 313 3.04 -2.06 23.30
CA ALA A 313 3.91 -3.12 22.81
C ALA A 313 3.14 -4.38 22.45
N VAL A 314 1.94 -4.56 23.02
CA VAL A 314 1.09 -5.68 22.61
C VAL A 314 0.67 -5.53 21.16
N ILE A 315 0.26 -4.31 20.78
CA ILE A 315 -0.18 -4.07 19.40
C ILE A 315 1.01 -4.12 18.45
N THR A 316 2.04 -3.31 18.73
CA THR A 316 3.18 -3.19 17.83
C THR A 316 3.97 -4.49 17.71
N THR A 317 3.63 -5.52 18.48
CA THR A 317 4.16 -6.85 18.27
C THR A 317 3.22 -7.71 17.42
N CYS A 318 1.93 -7.69 17.74
CA CYS A 318 0.95 -8.45 16.96
C CYS A 318 0.99 -8.06 15.49
N LEU A 319 1.23 -6.78 15.20
CA LEU A 319 1.33 -6.33 13.82
C LEU A 319 2.61 -6.85 13.17
N ALA A 320 3.74 -6.74 13.89
CA ALA A 320 5.02 -7.16 13.34
C ALA A 320 5.08 -8.66 13.10
N LEU A 321 4.25 -9.45 13.78
CA LEU A 321 4.24 -10.89 13.53
C LEU A 321 3.50 -11.22 12.25
N GLY A 322 2.39 -10.52 11.98
CA GLY A 322 1.74 -10.66 10.69
C GLY A 322 2.59 -10.14 9.55
N THR A 323 3.44 -9.14 9.82
CA THR A 323 4.35 -8.61 8.79
C THR A 323 5.26 -9.71 8.27
N ARG A 324 5.92 -10.44 9.17
CA ARG A 324 6.72 -11.58 8.76
C ARG A 324 5.85 -12.67 8.16
N ARG A 325 4.64 -12.86 8.72
CA ARG A 325 3.75 -13.89 8.19
C ARG A 325 3.31 -13.59 6.77
N MET A 326 3.13 -12.31 6.43
CA MET A 326 2.71 -11.97 5.07
C MET A 326 3.87 -12.01 4.10
N ALA A 327 5.11 -11.81 4.58
CA ALA A 327 6.26 -11.83 3.68
C ALA A 327 6.42 -13.19 3.00
N LYS A 328 5.96 -14.26 3.66
CA LYS A 328 5.93 -15.56 3.01
C LYS A 328 4.79 -15.67 2.01
N LYS A 329 3.67 -14.98 2.27
CA LYS A 329 2.56 -14.88 1.33
C LYS A 329 2.81 -13.84 0.24
N ASN A 330 4.04 -13.31 0.15
CA ASN A 330 4.50 -12.36 -0.86
C ASN A 330 4.00 -10.94 -0.63
N ALA A 331 3.26 -10.69 0.45
CA ALA A 331 2.82 -9.34 0.79
C ALA A 331 3.89 -8.69 1.66
N ILE A 332 4.48 -7.60 1.18
CA ILE A 332 5.52 -6.90 1.93
C ILE A 332 4.95 -5.62 2.51
N VAL A 333 4.48 -5.68 3.75
CA VAL A 333 3.87 -4.54 4.40
C VAL A 333 4.97 -3.61 4.91
N ARG A 334 4.89 -2.34 4.53
CA ARG A 334 5.90 -1.37 4.91
C ARG A 334 5.54 -0.58 6.17
N SER A 335 4.29 -0.14 6.30
CA SER A 335 3.84 0.61 7.46
C SER A 335 3.16 -0.34 8.41
N LEU A 336 3.67 -0.41 9.64
CA LEU A 336 3.13 -1.35 10.63
C LEU A 336 1.65 -1.12 10.95
N PRO A 337 1.18 0.12 11.18
CA PRO A 337 -0.26 0.28 11.49
C PRO A 337 -1.17 -0.05 10.32
N SER A 338 -0.62 -0.30 9.14
CA SER A 338 -1.44 -0.57 7.95
C SER A 338 -1.93 -2.01 7.89
N VAL A 339 -1.35 -2.92 8.66
CA VAL A 339 -1.85 -4.29 8.73
C VAL A 339 -3.30 -4.31 9.20
N GLU A 340 -3.74 -3.25 9.87
CA GLU A 340 -5.14 -3.15 10.27
C GLU A 340 -6.01 -2.57 9.16
N THR A 341 -5.61 -1.41 8.61
CA THR A 341 -6.36 -0.80 7.51
C THR A 341 -6.44 -1.74 6.31
N LEU A 342 -5.43 -2.60 6.13
CA LEU A 342 -5.41 -3.52 5.01
C LEU A 342 -6.63 -4.44 5.02
N GLY A 343 -7.22 -4.67 6.19
CA GLY A 343 -8.40 -5.49 6.31
C GLY A 343 -9.73 -4.76 6.22
N CYS A 344 -9.69 -3.42 6.25
CA CYS A 344 -10.89 -2.61 6.14
C CYS A 344 -11.15 -2.11 4.72
N THR A 345 -10.35 -2.58 3.75
CA THR A 345 -10.51 -2.13 2.38
C THR A 345 -11.86 -2.55 1.82
N SER A 346 -12.50 -1.64 1.09
CA SER A 346 -13.75 -1.92 0.40
C SER A 346 -13.64 -1.78 -1.11
N VAL A 347 -12.80 -0.87 -1.59
CA VAL A 347 -12.52 -0.72 -3.02
C VAL A 347 -11.06 -1.06 -3.25
N ILE A 348 -10.79 -1.78 -4.33
CA ILE A 348 -9.44 -2.17 -4.71
C ILE A 348 -9.27 -1.82 -6.19
N CYS A 349 -8.57 -0.72 -6.47
CA CYS A 349 -8.23 -0.34 -7.84
C CYS A 349 -6.89 -0.98 -8.18
N SER A 350 -6.90 -1.92 -9.12
CA SER A 350 -5.71 -2.63 -9.53
C SER A 350 -5.47 -2.44 -11.01
N ASP A 351 -4.23 -2.11 -11.37
CA ASP A 351 -3.86 -2.08 -12.78
C ASP A 351 -4.04 -3.47 -13.39
N LYS A 352 -4.36 -3.48 -14.68
CA LYS A 352 -4.57 -4.76 -15.36
C LYS A 352 -3.25 -5.49 -15.61
N THR A 353 -2.42 -4.95 -16.51
CA THR A 353 -1.25 -5.67 -16.97
C THR A 353 -0.21 -5.85 -15.85
N GLY A 354 0.35 -7.05 -15.76
CA GLY A 354 1.31 -7.44 -14.74
C GLY A 354 0.75 -8.05 -13.47
N THR A 355 -0.34 -7.48 -12.96
CA THR A 355 -0.97 -7.93 -11.73
C THR A 355 -2.22 -8.76 -11.97
N LEU A 356 -3.18 -8.24 -12.73
CA LEU A 356 -4.34 -9.06 -13.08
C LEU A 356 -3.99 -10.04 -14.19
N THR A 357 -3.15 -9.64 -15.13
CA THR A 357 -2.72 -10.47 -16.24
C THR A 357 -1.22 -10.74 -16.14
N THR A 358 -0.78 -11.77 -16.85
CA THR A 358 0.60 -12.24 -16.73
C THR A 358 1.59 -11.45 -17.59
N ASN A 359 1.12 -10.49 -18.39
CA ASN A 359 1.98 -9.67 -19.24
C ASN A 359 2.84 -10.52 -20.18
N GLN A 360 2.37 -11.72 -20.50
CA GLN A 360 3.06 -12.63 -21.40
C GLN A 360 2.16 -12.84 -22.61
N MET A 361 2.27 -11.93 -23.58
CA MET A 361 1.38 -11.95 -24.73
C MET A 361 1.87 -12.93 -25.79
N SER A 362 0.92 -13.43 -26.58
CA SER A 362 1.22 -14.26 -27.73
C SER A 362 -0.03 -14.29 -28.62
N VAL A 363 0.20 -14.29 -29.94
CA VAL A 363 -0.91 -14.22 -30.89
C VAL A 363 -1.66 -15.54 -30.90
N CYS A 364 -2.99 -15.46 -30.81
CA CYS A 364 -3.87 -16.64 -30.81
C CYS A 364 -4.56 -16.85 -32.15
N LYS A 365 -5.01 -15.77 -32.80
CA LYS A 365 -5.72 -15.86 -34.06
C LYS A 365 -5.10 -14.88 -35.06
N MET A 366 -5.40 -15.11 -36.33
CA MET A 366 -5.04 -14.20 -37.41
C MET A 366 -5.85 -14.58 -38.64
N PHE A 367 -6.06 -13.62 -39.52
CA PHE A 367 -6.80 -13.90 -40.74
C PHE A 367 -6.27 -13.06 -41.89
N ILE A 368 -6.55 -13.54 -43.10
CA ILE A 368 -6.26 -12.83 -44.35
C ILE A 368 -7.56 -12.79 -45.15
N ILE A 369 -7.58 -11.89 -46.13
CA ILE A 369 -8.65 -11.94 -47.13
C ILE A 369 -8.38 -13.11 -48.06
N ASP A 370 -9.36 -14.00 -48.19
CA ASP A 370 -9.21 -15.18 -49.00
C ASP A 370 -9.76 -14.98 -50.41
N LYS A 371 -10.88 -14.28 -50.55
CA LYS A 371 -11.48 -14.06 -51.86
C LYS A 371 -12.36 -12.81 -51.81
N VAL A 372 -12.23 -11.96 -52.83
CA VAL A 372 -13.10 -10.81 -53.02
C VAL A 372 -13.71 -10.95 -54.41
N ASP A 373 -14.98 -11.34 -54.47
CA ASP A 373 -15.70 -11.50 -55.73
C ASP A 373 -17.10 -10.90 -55.53
N GLY A 374 -17.24 -9.62 -55.86
CA GLY A 374 -18.50 -8.95 -55.62
C GLY A 374 -18.74 -8.74 -54.13
N ASP A 375 -20.02 -8.76 -53.75
CA ASP A 375 -20.36 -8.65 -52.33
C ASP A 375 -19.92 -9.88 -51.55
N PHE A 376 -19.60 -10.97 -52.24
CA PHE A 376 -19.11 -12.16 -51.57
C PHE A 376 -17.73 -11.91 -50.98
N CYS A 377 -17.54 -12.37 -49.75
CA CYS A 377 -16.28 -12.18 -49.06
C CYS A 377 -15.82 -13.52 -48.49
N SER A 378 -14.50 -13.68 -48.40
CA SER A 378 -13.91 -14.90 -47.86
C SER A 378 -12.68 -14.53 -47.06
N LEU A 379 -12.67 -14.92 -45.79
CA LEU A 379 -11.52 -14.75 -44.93
C LEU A 379 -10.81 -16.08 -44.74
N ASN A 380 -9.50 -16.01 -44.51
CA ASN A 380 -8.69 -17.18 -44.23
C ASN A 380 -8.25 -17.08 -42.77
N GLU A 381 -9.15 -17.47 -41.86
CA GLU A 381 -8.87 -17.41 -40.43
C GLU A 381 -7.99 -18.58 -40.01
N PHE A 382 -6.98 -18.28 -39.18
CA PHE A 382 -6.07 -19.27 -38.65
C PHE A 382 -6.08 -19.18 -37.12
N SER A 383 -5.24 -19.99 -36.50
CA SER A 383 -5.07 -19.98 -35.05
C SER A 383 -3.68 -20.50 -34.73
N ILE A 384 -3.15 -20.07 -33.58
CA ILE A 384 -1.77 -20.33 -33.21
C ILE A 384 -1.74 -20.85 -31.78
N THR A 385 -0.96 -21.92 -31.56
CA THR A 385 -0.72 -22.45 -30.23
C THR A 385 0.54 -21.82 -29.63
N GLY A 386 0.70 -22.00 -28.32
CA GLY A 386 1.88 -21.50 -27.64
C GLY A 386 1.61 -20.25 -26.83
N SER A 387 1.93 -20.29 -25.54
CA SER A 387 1.69 -19.16 -24.65
C SER A 387 2.95 -18.43 -24.24
N THR A 388 4.10 -19.10 -24.21
CA THR A 388 5.35 -18.41 -23.95
C THR A 388 5.86 -17.74 -25.23
N TYR A 389 6.94 -16.99 -25.09
CA TYR A 389 7.61 -16.38 -26.23
C TYR A 389 8.50 -17.38 -26.99
N ALA A 390 8.26 -18.68 -26.81
CA ALA A 390 9.06 -19.74 -27.42
C ALA A 390 8.53 -20.07 -28.81
N PRO A 391 9.43 -20.35 -29.76
CA PRO A 391 8.99 -20.74 -31.10
C PRO A 391 8.26 -22.07 -31.14
N GLU A 392 7.95 -22.61 -29.96
CA GLU A 392 7.20 -23.85 -29.85
C GLU A 392 5.70 -23.56 -30.00
N GLY A 393 5.08 -24.20 -30.97
CA GLY A 393 3.70 -23.93 -31.34
C GLY A 393 3.54 -24.02 -32.84
N GLU A 394 2.30 -24.00 -33.34
CA GLU A 394 2.08 -24.17 -34.77
C GLU A 394 0.78 -23.50 -35.18
N VAL A 395 0.69 -23.19 -36.47
CA VAL A 395 -0.50 -22.59 -37.06
C VAL A 395 -1.49 -23.68 -37.40
N LEU A 396 -2.79 -23.38 -37.27
CA LEU A 396 -3.84 -24.37 -37.46
C LEU A 396 -5.00 -23.74 -38.22
N LYS A 397 -5.18 -24.14 -39.47
CA LYS A 397 -6.36 -23.76 -40.26
C LYS A 397 -7.40 -24.87 -40.08
N ASN A 398 -8.44 -24.59 -39.29
CA ASN A 398 -9.43 -25.60 -38.91
C ASN A 398 -8.74 -26.84 -38.37
N ASP A 399 -7.73 -26.62 -37.51
CA ASP A 399 -6.96 -27.63 -36.79
C ASP A 399 -6.04 -28.45 -37.68
N LYS A 400 -5.94 -28.14 -38.96
CA LYS A 400 -4.88 -28.70 -39.78
C LYS A 400 -3.59 -27.97 -39.48
N PRO A 401 -2.59 -28.62 -38.87
CA PRO A 401 -1.32 -27.92 -38.59
C PRO A 401 -0.64 -27.46 -39.87
N ILE A 402 -1.19 -26.41 -40.47
CA ILE A 402 -0.84 -26.06 -41.85
C ILE A 402 0.59 -25.54 -41.92
N ARG A 403 1.23 -25.82 -43.05
CA ARG A 403 2.48 -25.16 -43.39
C ARG A 403 2.19 -23.72 -43.79
N SER A 404 2.72 -22.76 -43.02
CA SER A 404 2.33 -21.37 -43.19
C SER A 404 2.75 -20.82 -44.55
N GLY A 405 3.89 -21.25 -45.07
CA GLY A 405 4.37 -20.77 -46.35
C GLY A 405 3.48 -21.09 -47.53
N GLN A 406 2.53 -22.02 -47.36
CA GLN A 406 1.64 -22.38 -48.46
C GLN A 406 0.78 -21.20 -48.89
N PHE A 407 0.37 -20.37 -47.94
CA PHE A 407 -0.46 -19.21 -48.23
C PHE A 407 0.43 -17.99 -48.44
N ASP A 408 0.22 -17.28 -49.56
CA ASP A 408 1.07 -16.14 -49.86
C ASP A 408 0.74 -14.94 -48.98
N GLY A 409 -0.53 -14.77 -48.62
CA GLY A 409 -0.89 -13.69 -47.71
C GLY A 409 -0.26 -13.85 -46.34
N LEU A 410 0.02 -15.09 -45.92
CA LEU A 410 0.66 -15.31 -44.63
C LEU A 410 2.13 -14.88 -44.66
N VAL A 411 2.76 -14.89 -45.84
CA VAL A 411 4.16 -14.47 -45.90
C VAL A 411 4.27 -12.95 -45.80
N GLU A 412 3.29 -12.21 -46.33
CA GLU A 412 3.29 -10.77 -46.16
C GLU A 412 2.91 -10.40 -44.74
N LEU A 413 1.94 -11.13 -44.17
CA LEU A 413 1.58 -10.92 -42.78
C LEU A 413 2.78 -11.14 -41.85
N ALA A 414 3.71 -12.01 -42.25
CA ALA A 414 4.85 -12.31 -41.40
C ALA A 414 5.97 -11.30 -41.57
N THR A 415 6.20 -10.83 -42.80
CA THR A 415 7.24 -9.82 -43.02
C THR A 415 6.93 -8.54 -42.26
N ILE A 416 5.65 -8.15 -42.23
CA ILE A 416 5.24 -6.99 -41.42
C ILE A 416 5.59 -7.23 -39.96
N CYS A 417 5.28 -8.43 -39.45
CA CYS A 417 5.52 -8.71 -38.04
C CYS A 417 7.01 -8.67 -37.71
N ALA A 418 7.86 -9.08 -38.63
CA ALA A 418 9.29 -9.13 -38.36
C ALA A 418 9.96 -7.77 -38.57
N LEU A 419 9.56 -7.06 -39.62
CA LEU A 419 10.21 -5.80 -39.99
C LEU A 419 9.62 -4.61 -39.24
N CYS A 420 8.30 -4.46 -39.25
CA CYS A 420 7.62 -3.40 -38.50
C CYS A 420 7.62 -3.75 -37.02
N ASN A 421 8.82 -3.81 -36.45
CA ASN A 421 9.05 -4.37 -35.12
C ASN A 421 10.37 -3.85 -34.59
N ASP A 422 10.33 -3.14 -33.46
CA ASP A 422 11.52 -2.71 -32.76
C ASP A 422 11.81 -3.62 -31.57
N SER A 423 11.33 -4.86 -31.62
CA SER A 423 11.54 -5.85 -30.58
C SER A 423 12.05 -7.13 -31.21
N SER A 424 12.81 -7.89 -30.42
CA SER A 424 13.42 -9.12 -30.91
C SER A 424 13.44 -10.13 -29.76
N LEU A 425 14.16 -11.22 -29.96
CA LEU A 425 14.35 -12.24 -28.94
C LEU A 425 15.83 -12.54 -28.78
N ASP A 426 16.14 -13.46 -27.88
CA ASP A 426 17.51 -13.87 -27.63
C ASP A 426 17.48 -15.15 -26.80
N PHE A 427 18.44 -16.03 -27.05
CA PHE A 427 18.59 -17.22 -26.23
C PHE A 427 18.88 -16.81 -24.80
N ASN A 428 18.03 -17.25 -23.87
CA ASN A 428 18.26 -17.05 -22.45
C ASN A 428 18.76 -18.36 -21.86
N GLU A 429 19.94 -18.30 -21.24
CA GLU A 429 20.53 -19.46 -20.59
C GLU A 429 20.73 -19.25 -19.10
N THR A 430 20.43 -18.06 -18.59
CA THR A 430 20.41 -17.84 -17.14
C THR A 430 19.33 -18.68 -16.47
N LYS A 431 18.20 -18.89 -17.15
CA LYS A 431 17.06 -19.58 -16.56
C LYS A 431 16.53 -20.74 -17.39
N GLY A 432 16.99 -20.93 -18.63
CA GLY A 432 16.64 -22.13 -19.36
C GLY A 432 15.89 -21.96 -20.66
N VAL A 433 14.91 -21.05 -20.70
CA VAL A 433 14.06 -20.89 -21.88
C VAL A 433 14.26 -19.51 -22.48
N TYR A 434 13.17 -18.86 -22.89
CA TYR A 434 13.25 -17.61 -23.63
C TYR A 434 12.68 -16.46 -22.80
N GLU A 435 13.05 -15.24 -23.18
CA GLU A 435 12.62 -14.03 -22.52
C GLU A 435 12.39 -12.94 -23.54
N LYS A 436 11.45 -12.05 -23.24
CA LYS A 436 11.08 -10.97 -24.16
C LYS A 436 12.19 -9.93 -24.23
N VAL A 437 12.52 -9.51 -25.45
CA VAL A 437 13.53 -8.48 -25.68
C VAL A 437 12.87 -7.32 -26.42
N GLY A 438 12.22 -6.43 -25.67
CA GLY A 438 11.52 -5.31 -26.26
C GLY A 438 10.18 -5.05 -25.60
N GLU A 439 9.14 -4.85 -26.40
CA GLU A 439 7.79 -4.63 -25.89
C GLU A 439 6.99 -5.92 -25.95
N ALA A 440 6.09 -6.10 -24.99
CA ALA A 440 5.30 -7.33 -24.91
C ALA A 440 4.46 -7.52 -26.16
N THR A 441 3.90 -6.44 -26.71
CA THR A 441 3.06 -6.56 -27.89
C THR A 441 3.89 -6.85 -29.14
N GLU A 442 5.03 -6.18 -29.29
CA GLU A 442 5.86 -6.40 -30.47
C GLU A 442 6.60 -7.73 -30.38
N THR A 443 6.98 -8.16 -29.18
CA THR A 443 7.65 -9.45 -29.05
C THR A 443 6.71 -10.60 -29.39
N ALA A 444 5.43 -10.46 -29.06
CA ALA A 444 4.44 -11.46 -29.45
C ALA A 444 4.40 -11.62 -30.96
N LEU A 445 4.70 -10.55 -31.70
CA LEU A 445 4.75 -10.65 -33.16
C LEU A 445 5.96 -11.43 -33.63
N THR A 446 7.15 -11.11 -33.09
CA THR A 446 8.36 -11.82 -33.50
C THR A 446 8.27 -13.30 -33.17
N THR A 447 7.63 -13.65 -32.05
CA THR A 447 7.37 -15.05 -31.75
C THR A 447 6.45 -15.66 -32.78
N LEU A 448 5.42 -14.92 -33.20
CA LEU A 448 4.55 -15.38 -34.28
C LEU A 448 5.33 -15.61 -35.56
N VAL A 449 6.35 -14.79 -35.81
CA VAL A 449 7.20 -14.98 -36.99
C VAL A 449 7.89 -16.34 -36.95
N GLU A 450 8.29 -16.77 -35.75
CA GLU A 450 9.02 -18.01 -35.61
C GLU A 450 8.11 -19.23 -35.74
N LYS A 451 6.96 -19.20 -35.07
CA LYS A 451 6.04 -20.35 -35.15
C LYS A 451 5.56 -20.59 -36.58
N MET A 452 5.42 -19.52 -37.36
CA MET A 452 4.99 -19.69 -38.75
C MET A 452 6.08 -20.33 -39.61
N ASN A 453 7.34 -19.99 -39.36
CA ASN A 453 8.47 -20.41 -40.19
C ASN A 453 8.11 -20.30 -41.66
N VAL A 454 7.62 -19.12 -42.03
CA VAL A 454 6.86 -18.89 -43.25
C VAL A 454 7.64 -19.31 -44.49
N PHE A 455 8.96 -19.43 -44.39
CA PHE A 455 9.76 -19.83 -45.53
C PHE A 455 10.29 -21.26 -45.40
N ASN A 456 9.73 -22.05 -44.47
CA ASN A 456 10.07 -23.46 -44.31
C ASN A 456 11.58 -23.66 -44.20
N THR A 457 12.25 -22.69 -43.60
CA THR A 457 13.68 -22.78 -43.36
C THR A 457 13.98 -23.99 -42.47
N GLU A 458 15.27 -24.25 -42.26
CA GLU A 458 15.68 -25.38 -41.45
C GLU A 458 14.95 -25.36 -40.11
N VAL A 459 14.38 -26.50 -39.75
CA VAL A 459 13.54 -26.60 -38.56
C VAL A 459 13.97 -27.83 -37.76
N ARG A 460 14.57 -28.79 -38.44
CA ARG A 460 14.99 -30.03 -37.80
C ARG A 460 16.24 -29.79 -36.95
N ASN A 461 17.32 -29.31 -37.57
CA ASN A 461 18.61 -29.12 -36.91
C ASN A 461 18.74 -27.76 -36.25
N LEU A 462 17.72 -27.29 -35.55
CA LEU A 462 17.74 -25.96 -34.94
C LEU A 462 18.20 -26.05 -33.50
N SER A 463 19.35 -25.46 -33.20
CA SER A 463 19.81 -25.37 -31.83
C SER A 463 18.95 -24.35 -31.08
N LYS A 464 18.46 -24.74 -29.91
CA LYS A 464 17.63 -23.85 -29.10
C LYS A 464 18.46 -22.73 -28.48
N VAL A 465 19.39 -22.19 -29.27
CA VAL A 465 20.20 -21.04 -28.89
C VAL A 465 20.02 -19.97 -29.95
N GLU A 466 20.43 -20.27 -31.18
CA GLU A 466 20.18 -19.37 -32.30
C GLU A 466 18.73 -19.42 -32.77
N ARG A 467 17.86 -20.14 -32.07
CA ARG A 467 16.44 -20.12 -32.33
C ARG A 467 15.88 -18.74 -31.95
N ALA A 468 14.59 -18.54 -32.22
CA ALA A 468 13.84 -17.35 -31.83
C ALA A 468 14.27 -16.10 -32.57
N ASN A 469 15.43 -16.15 -33.24
CA ASN A 469 15.94 -15.08 -34.09
C ASN A 469 16.29 -15.62 -35.46
N ALA A 470 15.49 -16.57 -35.93
CA ALA A 470 15.83 -17.33 -37.12
C ALA A 470 14.98 -16.95 -38.32
N CYS A 471 13.66 -17.12 -38.25
CA CYS A 471 12.81 -16.69 -39.35
C CYS A 471 12.71 -15.17 -39.42
N ASN A 472 12.79 -14.51 -38.26
CA ASN A 472 13.00 -13.07 -38.24
C ASN A 472 14.21 -12.69 -39.08
N SER A 473 15.37 -13.29 -38.76
CA SER A 473 16.60 -12.96 -39.46
C SER A 473 16.46 -13.14 -40.96
N VAL A 474 15.99 -14.31 -41.41
CA VAL A 474 15.87 -14.56 -42.85
C VAL A 474 14.91 -13.60 -43.52
N ILE A 475 14.13 -12.84 -42.75
CA ILE A 475 13.28 -11.81 -43.33
C ILE A 475 13.99 -10.45 -43.35
N ARG A 476 14.75 -10.14 -42.30
CA ARG A 476 15.54 -8.91 -42.31
C ARG A 476 16.60 -8.92 -43.40
N GLN A 477 17.01 -10.11 -43.86
CA GLN A 477 17.99 -10.22 -44.94
C GLN A 477 17.44 -9.76 -46.27
N LEU A 478 16.11 -9.79 -46.46
CA LEU A 478 15.53 -9.47 -47.75
C LEU A 478 15.37 -7.96 -47.93
N MET A 479 14.56 -7.33 -47.09
CA MET A 479 14.32 -5.90 -47.16
C MET A 479 15.22 -5.17 -46.16
N LYS A 480 15.89 -4.11 -46.60
CA LYS A 480 16.70 -3.30 -45.72
C LYS A 480 15.84 -2.26 -45.02
N LYS A 481 15.87 -2.24 -43.69
CA LYS A 481 15.10 -1.27 -42.94
C LYS A 481 15.77 0.11 -43.05
N GLU A 482 15.05 1.06 -43.66
CA GLU A 482 15.62 2.39 -43.89
C GLU A 482 15.41 3.32 -42.70
N PHE A 483 14.18 3.40 -42.19
CA PHE A 483 13.86 4.16 -40.99
C PHE A 483 12.49 3.73 -40.51
N THR A 484 12.15 4.16 -39.29
CA THR A 484 10.89 3.78 -38.66
C THR A 484 10.11 5.04 -38.27
N LEU A 485 8.83 5.06 -38.60
CA LEU A 485 7.91 6.10 -38.12
C LEU A 485 7.25 5.55 -36.87
N GLU A 486 7.71 6.00 -35.71
CA GLU A 486 7.34 5.34 -34.47
C GLU A 486 5.85 5.51 -34.19
N PHE A 487 5.36 4.67 -33.28
CA PHE A 487 3.97 4.71 -32.88
C PHE A 487 3.69 6.00 -32.13
N SER A 488 2.74 6.78 -32.62
CA SER A 488 2.16 7.87 -31.87
C SER A 488 0.67 7.58 -31.68
N ARG A 489 0.07 8.25 -30.70
CA ARG A 489 -1.28 7.91 -30.30
C ARG A 489 -2.36 8.70 -31.02
N ASP A 490 -1.98 9.77 -31.72
CA ASP A 490 -2.94 10.46 -32.59
C ASP A 490 -3.45 9.52 -33.66
N ARG A 491 -2.53 8.85 -34.37
CA ARG A 491 -2.88 7.96 -35.47
C ARG A 491 -2.89 6.49 -35.07
N LYS A 492 -2.32 6.15 -33.91
CA LYS A 492 -2.38 4.80 -33.35
C LYS A 492 -1.78 3.76 -34.31
N SER A 493 -0.59 4.04 -34.81
CA SER A 493 0.09 3.09 -35.69
C SER A 493 1.56 3.47 -35.81
N MET A 494 2.36 2.49 -36.23
CA MET A 494 3.76 2.70 -36.55
C MET A 494 4.03 2.10 -37.93
N SER A 495 5.20 2.45 -38.49
CA SER A 495 5.53 1.96 -39.82
C SER A 495 7.04 1.97 -40.02
N VAL A 496 7.51 1.06 -40.86
CA VAL A 496 8.91 1.00 -41.27
C VAL A 496 8.97 1.17 -42.79
N TYR A 497 10.04 1.81 -43.25
CA TYR A 497 10.30 2.05 -44.66
C TYR A 497 11.44 1.14 -45.08
N CYS A 498 11.25 0.41 -46.17
CA CYS A 498 12.21 -0.63 -46.54
C CYS A 498 12.51 -0.60 -48.03
N SER A 499 13.80 -0.74 -48.37
CA SER A 499 14.33 -1.05 -49.68
C SER A 499 14.77 -2.50 -49.74
N PRO A 500 14.73 -3.14 -50.89
CA PRO A 500 15.19 -4.53 -51.01
C PRO A 500 16.70 -4.61 -50.95
N ALA A 501 17.21 -5.84 -50.96
CA ALA A 501 18.65 -6.08 -50.97
C ALA A 501 19.30 -5.66 -52.28
N LYS A 502 18.50 -5.27 -53.28
CA LYS A 502 18.96 -4.75 -54.57
C LYS A 502 19.74 -5.79 -55.37
N SER A 503 19.70 -7.05 -54.97
CA SER A 503 20.29 -8.11 -55.75
C SER A 503 19.25 -8.72 -56.68
N SER A 504 19.38 -10.03 -56.97
CA SER A 504 18.48 -10.67 -57.91
C SER A 504 17.07 -10.87 -57.36
N ARG A 505 16.85 -10.63 -56.07
CA ARG A 505 15.54 -10.77 -55.45
C ARG A 505 14.89 -9.42 -55.16
N ALA A 506 15.06 -8.47 -56.07
CA ALA A 506 14.51 -7.14 -55.90
C ALA A 506 13.01 -7.15 -56.15
N ALA A 507 12.40 -5.97 -56.10
CA ALA A 507 10.97 -5.84 -56.25
C ALA A 507 10.66 -4.48 -56.89
N VAL A 508 9.40 -4.05 -56.80
CA VAL A 508 9.00 -2.75 -57.30
C VAL A 508 9.42 -1.66 -56.33
N GLY A 509 10.70 -1.28 -56.38
CA GLY A 509 11.17 -0.19 -55.55
C GLY A 509 11.09 -0.52 -54.07
N ASN A 510 10.60 0.44 -53.30
CA ASN A 510 10.56 0.36 -51.84
C ASN A 510 9.15 0.04 -51.35
N LYS A 511 9.05 -0.22 -50.04
CA LYS A 511 7.81 -0.60 -49.40
C LYS A 511 7.72 0.02 -48.02
N MET A 512 6.50 0.31 -47.59
CA MET A 512 6.20 0.69 -46.22
C MET A 512 5.35 -0.39 -45.56
N PHE A 513 5.68 -0.74 -44.32
CA PHE A 513 4.98 -1.77 -43.57
C PHE A 513 4.36 -1.15 -42.34
N VAL A 514 3.03 -1.21 -42.23
CA VAL A 514 2.27 -0.48 -41.23
C VAL A 514 1.57 -1.46 -40.31
N LYS A 515 1.53 -1.11 -39.02
CA LYS A 515 0.74 -1.85 -38.05
C LYS A 515 0.22 -0.87 -37.00
N GLY A 516 -0.99 -1.12 -36.52
CA GLY A 516 -1.57 -0.25 -35.52
C GLY A 516 -2.96 -0.69 -35.13
N ALA A 517 -3.70 0.23 -34.51
CA ALA A 517 -5.07 -0.04 -34.13
C ALA A 517 -5.91 -0.34 -35.37
N PRO A 518 -6.84 -1.29 -35.30
CA PRO A 518 -7.56 -1.71 -36.52
C PRO A 518 -8.32 -0.58 -37.20
N GLU A 519 -9.09 0.22 -36.47
CA GLU A 519 -9.94 1.22 -37.10
C GLU A 519 -9.12 2.22 -37.90
N GLY A 520 -8.08 2.79 -37.29
CA GLY A 520 -7.30 3.80 -37.98
C GLY A 520 -6.62 3.27 -39.23
N VAL A 521 -5.92 2.15 -39.10
CA VAL A 521 -5.23 1.55 -40.25
C VAL A 521 -6.21 1.18 -41.34
N ILE A 522 -7.33 0.58 -40.97
CA ILE A 522 -8.30 0.11 -41.96
C ILE A 522 -8.90 1.27 -42.74
N ASP A 523 -9.10 2.43 -42.08
CA ASP A 523 -9.65 3.57 -42.78
C ASP A 523 -8.71 4.04 -43.89
N ARG A 524 -7.42 4.08 -43.61
CA ARG A 524 -6.43 4.51 -44.60
C ARG A 524 -6.18 3.46 -45.68
N CYS A 525 -6.84 2.30 -45.61
CA CYS A 525 -6.68 1.26 -46.62
C CYS A 525 -7.62 1.54 -47.79
N ASN A 526 -7.04 1.71 -48.98
CA ASN A 526 -7.82 1.84 -50.20
C ASN A 526 -7.82 0.57 -51.03
N TYR A 527 -7.02 -0.42 -50.68
CA TYR A 527 -6.97 -1.69 -51.38
C TYR A 527 -6.88 -2.81 -50.37
N VAL A 528 -6.99 -4.04 -50.85
CA VAL A 528 -6.79 -5.22 -50.02
C VAL A 528 -5.64 -6.05 -50.57
N ARG A 529 -5.62 -7.34 -50.23
CA ARG A 529 -4.57 -8.25 -50.68
C ARG A 529 -5.16 -9.65 -50.67
N VAL A 530 -5.07 -10.35 -51.80
CA VAL A 530 -5.58 -11.70 -51.95
C VAL A 530 -4.40 -12.54 -52.43
N GLY A 531 -3.64 -13.09 -51.49
CA GLY A 531 -2.40 -13.75 -51.83
C GLY A 531 -1.39 -12.74 -52.32
N THR A 532 -1.20 -12.66 -53.64
CA THR A 532 -0.35 -11.66 -54.24
C THR A 532 -1.12 -10.66 -55.10
N THR A 533 -2.43 -10.85 -55.26
CA THR A 533 -3.24 -9.94 -56.04
C THR A 533 -3.80 -8.84 -55.13
N ARG A 534 -4.52 -7.88 -55.73
CA ARG A 534 -4.96 -6.70 -55.01
C ARG A 534 -6.26 -6.19 -55.60
N VAL A 535 -7.17 -5.78 -54.71
CA VAL A 535 -8.52 -5.35 -55.10
C VAL A 535 -8.87 -4.09 -54.34
N PRO A 536 -9.67 -3.21 -54.96
CA PRO A 536 -10.17 -2.04 -54.22
C PRO A 536 -10.92 -2.44 -52.96
N MET A 537 -10.66 -1.69 -51.88
CA MET A 537 -11.36 -1.89 -50.62
C MET A 537 -12.82 -1.52 -50.79
N THR A 538 -13.71 -2.50 -50.67
CA THR A 538 -15.13 -2.30 -50.89
C THR A 538 -15.89 -2.37 -49.56
N GLY A 539 -17.07 -1.75 -49.56
CA GLY A 539 -17.95 -1.70 -48.43
C GLY A 539 -18.12 -3.01 -47.67
N PRO A 540 -18.48 -4.10 -48.37
CA PRO A 540 -18.66 -5.38 -47.66
C PRO A 540 -17.42 -5.85 -46.93
N VAL A 541 -16.26 -5.85 -47.59
CA VAL A 541 -15.05 -6.37 -46.98
C VAL A 541 -14.71 -5.57 -45.73
N LYS A 542 -14.88 -4.25 -45.77
CA LYS A 542 -14.66 -3.43 -44.59
C LYS A 542 -15.56 -3.86 -43.45
N GLU A 543 -16.85 -4.06 -43.74
CA GLU A 543 -17.78 -4.52 -42.72
C GLU A 543 -17.42 -5.92 -42.23
N LYS A 544 -17.00 -6.80 -43.15
CA LYS A 544 -16.63 -8.15 -42.74
C LYS A 544 -15.32 -8.16 -41.95
N ILE A 545 -14.37 -7.32 -42.34
CA ILE A 545 -13.11 -7.23 -41.60
C ILE A 545 -13.35 -6.72 -40.19
N LEU A 546 -14.10 -5.62 -40.07
CA LEU A 546 -14.33 -5.03 -38.76
C LEU A 546 -15.26 -5.89 -37.91
N SER A 547 -16.15 -6.65 -38.53
CA SER A 547 -17.05 -7.52 -37.78
C SER A 547 -16.27 -8.58 -37.01
N VAL A 548 -15.34 -9.25 -37.70
CA VAL A 548 -14.50 -10.25 -37.04
C VAL A 548 -13.67 -9.60 -35.95
N ILE A 549 -13.21 -8.36 -36.19
CA ILE A 549 -12.41 -7.66 -35.19
C ILE A 549 -13.20 -7.47 -33.90
N LYS A 550 -14.48 -7.11 -34.02
CA LYS A 550 -15.29 -6.96 -32.82
C LYS A 550 -15.59 -8.32 -32.18
N GLU A 551 -15.78 -9.35 -33.01
CA GLU A 551 -15.90 -10.71 -32.47
C GLU A 551 -14.65 -11.08 -31.66
N TRP A 552 -13.48 -10.73 -32.17
CA TRP A 552 -12.23 -11.11 -31.52
C TRP A 552 -11.92 -10.23 -30.31
N GLY A 553 -12.31 -8.96 -30.35
CA GLY A 553 -11.92 -8.03 -29.31
C GLY A 553 -12.96 -7.82 -28.22
N THR A 554 -14.22 -8.11 -28.53
CA THR A 554 -15.31 -7.95 -27.59
C THR A 554 -15.83 -9.28 -27.06
N GLY A 555 -15.77 -10.34 -27.85
CA GLY A 555 -16.29 -11.63 -27.45
C GLY A 555 -15.49 -12.25 -26.31
N ARG A 556 -15.82 -13.51 -26.03
CA ARG A 556 -15.20 -14.24 -24.92
C ARG A 556 -13.73 -14.53 -25.15
N ASP A 557 -13.19 -14.19 -26.32
CA ASP A 557 -11.76 -14.38 -26.56
C ASP A 557 -10.94 -13.26 -25.94
N THR A 558 -11.49 -12.05 -25.87
CA THR A 558 -10.83 -10.88 -25.27
C THR A 558 -9.42 -10.71 -25.84
N LEU A 559 -9.36 -10.46 -27.14
CA LEU A 559 -8.10 -10.38 -27.87
C LEU A 559 -7.79 -8.93 -28.23
N ARG A 560 -6.50 -8.59 -28.19
CA ARG A 560 -6.01 -7.33 -28.71
C ARG A 560 -5.72 -7.50 -30.20
N CYS A 561 -6.35 -6.67 -31.03
CA CYS A 561 -6.25 -6.80 -32.48
C CYS A 561 -5.32 -5.74 -33.05
N LEU A 562 -4.52 -6.14 -34.03
CA LEU A 562 -3.66 -5.23 -34.78
C LEU A 562 -3.90 -5.45 -36.27
N ALA A 563 -4.28 -4.39 -36.98
CA ALA A 563 -4.48 -4.46 -38.42
C ALA A 563 -3.14 -4.20 -39.10
N LEU A 564 -2.62 -5.20 -39.80
CA LEU A 564 -1.37 -5.05 -40.53
C LEU A 564 -1.66 -4.64 -41.96
N ALA A 565 -0.83 -3.74 -42.49
CA ALA A 565 -1.00 -3.24 -43.85
C ALA A 565 0.35 -2.85 -44.41
N THR A 566 0.42 -2.77 -45.74
CA THR A 566 1.60 -2.28 -46.44
C THR A 566 1.20 -1.25 -47.48
N ARG A 567 2.00 -0.20 -47.58
CA ARG A 567 1.85 0.78 -48.65
C ARG A 567 2.74 0.35 -49.81
N ASP A 568 2.14 0.17 -50.99
CA ASP A 568 2.86 -0.45 -52.10
C ASP A 568 3.68 0.57 -52.89
N THR A 569 3.15 1.78 -53.08
CA THR A 569 3.86 2.85 -53.77
C THR A 569 4.05 4.00 -52.77
N PRO A 570 5.00 3.88 -51.85
CA PRO A 570 5.22 4.93 -50.87
C PRO A 570 5.82 6.15 -51.52
N PRO A 571 5.84 7.30 -50.82
CA PRO A 571 6.54 8.47 -51.37
C PRO A 571 8.03 8.20 -51.50
N LYS A 572 8.65 8.93 -52.41
CA LYS A 572 10.10 8.82 -52.57
C LYS A 572 10.79 9.34 -51.31
N ARG A 573 11.90 8.69 -50.96
CA ARG A 573 12.51 8.90 -49.64
C ARG A 573 12.82 10.37 -49.39
N GLU A 574 13.26 11.10 -50.42
CA GLU A 574 13.65 12.49 -50.25
C GLU A 574 12.47 13.41 -49.94
N GLU A 575 11.25 12.89 -49.97
CA GLU A 575 10.04 13.71 -49.82
C GLU A 575 9.38 13.53 -48.45
N MET A 576 10.08 12.99 -47.46
CA MET A 576 9.49 12.70 -46.16
C MET A 576 10.25 13.47 -45.08
N VAL A 577 9.53 14.34 -44.37
CA VAL A 577 10.07 15.04 -43.22
C VAL A 577 9.96 14.13 -42.00
N LEU A 578 11.08 13.56 -41.57
CA LEU A 578 11.12 12.64 -40.44
C LEU A 578 11.36 13.35 -39.12
N ASP A 579 11.03 14.64 -39.04
CA ASP A 579 11.12 15.42 -37.80
C ASP A 579 9.75 15.92 -37.36
N ASP A 580 8.67 15.33 -37.89
CA ASP A 580 7.31 15.77 -37.63
C ASP A 580 6.40 14.55 -37.53
N SER A 581 6.01 14.16 -36.32
CA SER A 581 5.09 13.03 -36.20
C SER A 581 3.71 13.39 -36.77
N SER A 582 3.36 14.68 -36.80
CA SER A 582 2.06 15.08 -37.33
C SER A 582 1.93 14.74 -38.81
N ARG A 583 3.04 14.65 -39.52
CA ARG A 583 3.05 14.30 -40.92
C ARG A 583 3.25 12.80 -41.15
N PHE A 584 3.25 12.00 -40.09
CA PHE A 584 3.44 10.56 -40.25
C PHE A 584 2.16 9.87 -40.71
N MET A 585 1.01 10.30 -40.20
CA MET A 585 -0.24 9.69 -40.63
C MET A 585 -0.50 9.94 -42.11
N GLU A 586 -0.17 11.15 -42.59
CA GLU A 586 -0.23 11.41 -44.02
C GLU A 586 0.68 10.45 -44.78
N TYR A 587 1.89 10.22 -44.28
CA TYR A 587 2.82 9.30 -44.92
C TYR A 587 2.27 7.88 -44.93
N GLU A 588 1.40 7.54 -43.96
CA GLU A 588 0.80 6.22 -43.85
C GLU A 588 -0.60 6.17 -44.44
N THR A 589 -0.84 6.85 -45.56
CA THR A 589 -2.14 6.83 -46.22
C THR A 589 -2.06 5.99 -47.49
N ASP A 590 -3.24 5.72 -48.06
CA ASP A 590 -3.38 4.92 -49.26
C ASP A 590 -2.69 3.56 -49.10
N LEU A 591 -3.12 2.84 -48.08
CA LEU A 591 -2.56 1.54 -47.75
C LEU A 591 -3.39 0.42 -48.35
N THR A 592 -2.87 -0.80 -48.24
CA THR A 592 -3.61 -2.01 -48.60
C THR A 592 -3.57 -2.98 -47.43
N PHE A 593 -4.75 -3.38 -46.97
CA PHE A 593 -4.89 -4.32 -45.87
C PHE A 593 -4.33 -5.69 -46.26
N VAL A 594 -3.75 -6.39 -45.27
CA VAL A 594 -3.22 -7.73 -45.53
C VAL A 594 -3.66 -8.70 -44.44
N GLY A 595 -3.86 -8.23 -43.20
CA GLY A 595 -4.27 -9.15 -42.15
C GLY A 595 -4.38 -8.47 -40.81
N VAL A 596 -4.98 -9.21 -39.88
CA VAL A 596 -5.17 -8.80 -38.48
C VAL A 596 -4.62 -9.91 -37.58
N VAL A 597 -3.89 -9.53 -36.54
CA VAL A 597 -3.37 -10.46 -35.56
C VAL A 597 -4.08 -10.24 -34.23
N GLY A 598 -4.35 -11.33 -33.52
CA GLY A 598 -5.04 -11.27 -32.26
C GLY A 598 -4.26 -11.96 -31.16
N MET A 599 -3.83 -11.19 -30.18
CA MET A 599 -3.00 -11.68 -29.07
C MET A 599 -3.77 -11.55 -27.77
N LEU A 600 -3.27 -12.24 -26.75
CA LEU A 600 -3.92 -12.25 -25.44
C LEU A 600 -2.89 -12.07 -24.34
N ASP A 601 -3.10 -11.08 -23.49
CA ASP A 601 -2.42 -10.98 -22.21
C ASP A 601 -3.25 -11.76 -21.21
N PRO A 602 -2.91 -13.03 -20.96
CA PRO A 602 -3.84 -13.93 -20.27
C PRO A 602 -4.00 -13.57 -18.81
N PRO A 603 -5.21 -13.70 -18.27
CA PRO A 603 -5.39 -13.49 -16.83
C PRO A 603 -4.62 -14.53 -16.03
N ARG A 604 -4.21 -14.14 -14.83
CA ARG A 604 -3.49 -15.06 -13.96
C ARG A 604 -4.43 -16.13 -13.43
N LYS A 605 -3.83 -17.25 -13.00
CA LYS A 605 -4.61 -18.38 -12.53
C LYS A 605 -5.38 -18.03 -11.26
N GLU A 606 -4.69 -17.46 -10.28
CA GLU A 606 -5.29 -17.16 -8.98
C GLU A 606 -6.19 -15.92 -9.03
N VAL A 607 -6.17 -15.17 -10.13
CA VAL A 607 -6.96 -13.95 -10.21
C VAL A 607 -8.45 -14.27 -10.34
N MET A 608 -8.77 -15.32 -11.08
CA MET A 608 -10.18 -15.63 -11.37
C MET A 608 -10.99 -15.81 -10.10
N GLY A 609 -10.41 -16.42 -9.08
CA GLY A 609 -11.12 -16.69 -7.84
C GLY A 609 -11.06 -15.56 -6.84
N SER A 610 -9.94 -14.83 -6.83
CA SER A 610 -9.78 -13.73 -5.90
C SER A 610 -10.85 -12.65 -6.09
N ILE A 611 -11.32 -12.48 -7.33
CA ILE A 611 -12.45 -11.58 -7.57
C ILE A 611 -13.67 -12.07 -6.79
N GLN A 612 -13.91 -13.38 -6.81
CA GLN A 612 -15.09 -13.92 -6.13
C GLN A 612 -14.94 -13.83 -4.62
N LEU A 613 -13.73 -14.01 -4.11
CA LEU A 613 -13.49 -13.76 -2.68
C LEU A 613 -13.88 -12.34 -2.31
N CYS A 614 -13.54 -11.37 -3.17
CA CYS A 614 -13.94 -9.99 -2.93
C CYS A 614 -15.46 -9.82 -2.99
N ARG A 615 -16.13 -10.61 -3.82
CA ARG A 615 -17.58 -10.60 -3.83
C ARG A 615 -18.14 -11.12 -2.51
N ASP A 616 -17.59 -12.24 -2.03
CA ASP A 616 -18.02 -12.77 -0.74
C ASP A 616 -17.70 -11.82 0.40
N ALA A 617 -16.61 -11.06 0.27
CA ALA A 617 -16.18 -10.12 1.30
C ALA A 617 -16.66 -8.70 1.04
N GLY A 618 -17.64 -8.53 0.16
CA GLY A 618 -18.22 -7.21 -0.09
C GLY A 618 -17.22 -6.15 -0.50
N ILE A 619 -16.20 -6.54 -1.26
CA ILE A 619 -15.14 -5.63 -1.69
C ILE A 619 -15.32 -5.36 -3.18
N ARG A 620 -15.53 -4.09 -3.52
CA ARG A 620 -15.66 -3.70 -4.91
C ARG A 620 -14.28 -3.60 -5.56
N VAL A 621 -14.11 -4.27 -6.69
CA VAL A 621 -12.85 -4.27 -7.43
C VAL A 621 -13.03 -3.43 -8.69
N ILE A 622 -12.05 -2.59 -8.97
CA ILE A 622 -12.05 -1.72 -10.15
C ILE A 622 -10.81 -2.02 -10.96
N MET A 623 -11.00 -2.41 -12.22
CA MET A 623 -9.89 -2.63 -13.13
C MET A 623 -9.49 -1.32 -13.80
N ILE A 624 -8.18 -1.17 -14.02
CA ILE A 624 -7.63 -0.02 -14.74
C ILE A 624 -6.66 -0.56 -15.78
N THR A 625 -6.89 -0.18 -17.04
CA THR A 625 -6.09 -0.74 -18.14
C THR A 625 -5.95 0.30 -19.24
N GLY A 626 -5.05 0.00 -20.18
CA GLY A 626 -4.89 0.76 -21.39
C GLY A 626 -5.55 0.17 -22.61
N ASP A 627 -6.20 -0.99 -22.47
CA ASP A 627 -6.98 -1.54 -23.56
C ASP A 627 -8.15 -0.61 -23.89
N ASN A 628 -8.64 -0.72 -25.12
CA ASN A 628 -9.81 0.06 -25.50
C ASN A 628 -11.02 -0.41 -24.71
N LYS A 629 -11.92 0.54 -24.41
CA LYS A 629 -13.07 0.28 -23.56
C LYS A 629 -13.84 -0.96 -23.99
N GLY A 630 -13.88 -1.24 -25.29
CA GLY A 630 -14.55 -2.45 -25.76
C GLY A 630 -13.88 -3.71 -25.26
N THR A 631 -12.55 -3.72 -25.25
CA THR A 631 -11.81 -4.89 -24.76
C THR A 631 -11.62 -4.85 -23.26
N ALA A 632 -11.56 -3.66 -22.66
CA ALA A 632 -11.51 -3.56 -21.19
C ALA A 632 -12.72 -4.25 -20.58
N ILE A 633 -13.92 -3.82 -20.99
CA ILE A 633 -15.16 -4.47 -20.54
C ILE A 633 -15.14 -5.96 -20.87
N ALA A 634 -14.45 -6.34 -21.95
CA ALA A 634 -14.41 -7.75 -22.32
C ALA A 634 -13.61 -8.57 -21.30
N ILE A 635 -12.48 -8.03 -20.83
CA ILE A 635 -11.67 -8.78 -19.87
C ILE A 635 -12.33 -8.78 -18.50
N CYS A 636 -13.07 -7.72 -18.16
CA CYS A 636 -13.79 -7.70 -16.89
C CYS A 636 -14.82 -8.81 -16.82
N ARG A 637 -15.51 -9.08 -17.92
CA ARG A 637 -16.45 -10.19 -17.96
C ARG A 637 -15.73 -11.52 -17.82
N ARG A 638 -14.47 -11.56 -18.23
CA ARG A 638 -13.73 -12.82 -18.22
C ARG A 638 -13.26 -13.18 -16.81
N ILE A 639 -12.94 -12.19 -15.98
CA ILE A 639 -12.44 -12.45 -14.63
C ILE A 639 -13.52 -12.35 -13.56
N GLY A 640 -14.63 -11.65 -13.82
CA GLY A 640 -15.73 -11.68 -12.89
C GLY A 640 -16.12 -10.33 -12.32
N ILE A 641 -15.49 -9.26 -12.81
CA ILE A 641 -15.96 -7.94 -12.41
C ILE A 641 -17.33 -7.67 -13.00
N PHE A 642 -17.63 -8.25 -14.16
CA PHE A 642 -18.93 -8.17 -14.78
C PHE A 642 -19.42 -9.57 -15.09
N GLY A 643 -20.73 -9.68 -15.29
CA GLY A 643 -21.36 -10.91 -15.75
C GLY A 643 -21.48 -10.89 -17.27
N GLU A 644 -21.27 -12.05 -17.88
CA GLU A 644 -21.15 -12.13 -19.34
C GLU A 644 -22.31 -11.50 -20.10
N ASN A 645 -23.45 -11.27 -19.44
CA ASN A 645 -24.62 -10.71 -20.10
C ASN A 645 -25.22 -9.56 -19.29
N GLU A 646 -24.37 -8.75 -18.66
CA GLU A 646 -24.79 -7.70 -17.74
C GLU A 646 -24.48 -6.34 -18.34
N GLU A 647 -25.49 -5.47 -18.35
CA GLU A 647 -25.32 -4.12 -18.90
C GLU A 647 -24.50 -3.27 -17.96
N VAL A 648 -23.52 -2.54 -18.51
CA VAL A 648 -22.58 -1.78 -17.68
C VAL A 648 -22.31 -0.41 -18.30
N ALA A 649 -23.23 0.07 -19.13
CA ALA A 649 -23.03 1.32 -19.87
C ALA A 649 -22.59 2.46 -18.97
N ASP A 650 -23.24 2.61 -17.82
CA ASP A 650 -22.90 3.64 -16.85
C ASP A 650 -21.97 3.14 -15.76
N ARG A 651 -21.27 2.03 -16.00
CA ARG A 651 -20.38 1.45 -15.01
C ARG A 651 -18.98 1.19 -15.56
N ALA A 652 -18.62 1.85 -16.66
CA ALA A 652 -17.30 1.71 -17.27
C ALA A 652 -17.07 2.92 -18.17
N TYR A 653 -16.04 3.70 -17.86
CA TYR A 653 -15.77 4.94 -18.58
C TYR A 653 -14.31 4.94 -19.02
N THR A 654 -14.01 5.76 -20.03
CA THR A 654 -12.65 5.98 -20.47
C THR A 654 -12.14 7.29 -19.89
N GLY A 655 -10.90 7.64 -20.24
CA GLY A 655 -10.36 8.92 -19.81
C GLY A 655 -11.14 10.09 -20.39
N ARG A 656 -11.39 10.05 -21.71
CA ARG A 656 -12.11 11.14 -22.36
C ARG A 656 -13.54 11.26 -21.84
N GLU A 657 -14.19 10.13 -21.57
CA GLU A 657 -15.57 10.16 -21.09
C GLU A 657 -15.67 10.71 -19.68
N PHE A 658 -14.68 10.41 -18.84
CA PHE A 658 -14.74 10.80 -17.43
C PHE A 658 -14.60 12.30 -17.25
N ASP A 659 -13.84 12.97 -18.10
CA ASP A 659 -13.64 14.41 -17.96
C ASP A 659 -14.79 15.20 -18.55
N ASP A 660 -15.43 14.68 -19.60
CA ASP A 660 -16.61 15.33 -20.18
C ASP A 660 -17.76 15.38 -19.20
N LEU A 661 -17.68 14.67 -18.07
CA LEU A 661 -18.67 14.76 -17.00
C LEU A 661 -18.35 15.97 -16.12
N PRO A 662 -19.38 16.65 -15.61
CA PRO A 662 -19.15 17.66 -14.58
C PRO A 662 -18.87 17.01 -13.24
N LEU A 663 -18.06 17.68 -12.43
CA LEU A 663 -17.55 17.16 -11.16
C LEU A 663 -18.60 16.40 -10.35
N ALA A 664 -19.86 16.82 -10.44
CA ALA A 664 -20.93 16.12 -9.74
C ALA A 664 -21.05 14.68 -10.23
N GLU A 665 -21.27 14.51 -11.53
CA GLU A 665 -21.47 13.18 -12.10
C GLU A 665 -20.20 12.34 -12.14
N GLN A 666 -19.03 12.96 -11.90
CA GLN A 666 -17.81 12.18 -11.72
C GLN A 666 -17.83 11.44 -10.39
N ARG A 667 -18.28 12.12 -9.33
CA ARG A 667 -18.32 11.50 -8.01
C ARG A 667 -19.25 10.30 -7.99
N GLU A 668 -20.41 10.40 -8.65
CA GLU A 668 -21.35 9.29 -8.71
C GLU A 668 -20.83 8.13 -9.55
N ALA A 669 -19.93 8.41 -10.51
CA ALA A 669 -19.37 7.33 -11.31
C ALA A 669 -18.52 6.39 -10.46
N CYS A 670 -17.60 6.96 -9.67
CA CYS A 670 -16.71 6.13 -8.86
C CYS A 670 -17.46 5.31 -7.83
N ARG A 671 -18.65 5.75 -7.42
CA ARG A 671 -19.48 4.95 -6.53
C ARG A 671 -19.89 3.64 -7.19
N ARG A 672 -20.07 3.65 -8.51
CA ARG A 672 -20.57 2.51 -9.26
C ARG A 672 -19.58 1.95 -10.29
N ALA A 673 -18.67 2.77 -10.80
CA ALA A 673 -17.76 2.30 -11.85
C ALA A 673 -16.84 1.20 -11.32
N CYS A 674 -16.69 0.14 -12.10
CA CYS A 674 -15.81 -0.98 -11.77
C CYS A 674 -14.73 -1.19 -12.82
N CYS A 675 -14.52 -0.21 -13.70
CA CYS A 675 -13.55 -0.33 -14.78
C CYS A 675 -13.28 1.04 -15.39
N PHE A 676 -12.00 1.38 -15.53
CA PHE A 676 -11.58 2.57 -16.25
C PHE A 676 -10.55 2.15 -17.29
N ALA A 677 -10.72 2.64 -18.52
CA ALA A 677 -9.83 2.30 -19.63
C ALA A 677 -9.14 3.54 -20.16
N ARG A 678 -7.81 3.44 -20.33
CA ARG A 678 -7.01 4.48 -20.98
C ARG A 678 -7.13 5.81 -20.22
N VAL A 679 -6.73 5.77 -18.95
CA VAL A 679 -6.79 6.94 -18.10
C VAL A 679 -5.42 7.58 -18.02
N GLU A 680 -5.34 8.76 -17.40
CA GLU A 680 -4.17 9.56 -17.09
C GLU A 680 -3.85 9.43 -15.60
N PRO A 681 -2.56 9.48 -15.23
CA PRO A 681 -2.21 9.49 -13.79
C PRO A 681 -2.99 10.51 -12.97
N SER A 682 -3.44 11.61 -13.58
CA SER A 682 -4.24 12.58 -12.83
C SER A 682 -5.59 12.01 -12.41
N HIS A 683 -6.02 10.88 -12.99
CA HIS A 683 -7.29 10.28 -12.65
C HIS A 683 -7.20 9.30 -11.49
N LYS A 684 -6.04 8.70 -11.26
CA LYS A 684 -5.89 7.79 -10.13
C LYS A 684 -6.08 8.51 -8.80
N SER A 685 -5.68 9.78 -8.72
CA SER A 685 -5.93 10.56 -7.52
C SER A 685 -7.38 11.04 -7.47
N LYS A 686 -7.94 11.45 -8.62
CA LYS A 686 -9.33 11.88 -8.64
C LYS A 686 -10.27 10.75 -8.22
N ILE A 687 -9.99 9.53 -8.69
CA ILE A 687 -10.83 8.39 -8.32
C ILE A 687 -10.73 8.10 -6.84
N VAL A 688 -9.51 8.13 -6.28
CA VAL A 688 -9.33 7.94 -4.85
C VAL A 688 -10.12 8.97 -4.07
N GLU A 689 -10.02 10.24 -4.47
CA GLU A 689 -10.71 11.31 -3.76
C GLU A 689 -12.22 11.10 -3.75
N TYR A 690 -12.78 10.70 -4.90
CA TYR A 690 -14.22 10.45 -4.96
C TYR A 690 -14.60 9.22 -4.16
N LEU A 691 -13.77 8.17 -4.20
CA LEU A 691 -14.02 7.01 -3.35
C LEU A 691 -13.86 7.36 -1.87
N GLN A 692 -12.99 8.33 -1.55
CA GLN A 692 -12.90 8.81 -0.18
C GLN A 692 -14.13 9.62 0.20
N SER A 693 -14.69 10.38 -0.74
CA SER A 693 -15.88 11.18 -0.45
C SER A 693 -17.06 10.31 -0.02
N TYR A 694 -17.01 9.01 -0.31
CA TYR A 694 -18.03 8.07 0.15
C TYR A 694 -17.58 7.29 1.38
N ASP A 695 -16.61 7.83 2.13
CA ASP A 695 -16.09 7.19 3.34
C ASP A 695 -15.65 5.75 3.09
N GLU A 696 -15.18 5.48 1.87
CA GLU A 696 -14.76 4.14 1.48
C GLU A 696 -13.25 4.03 1.58
N ILE A 697 -12.77 2.98 2.24
CA ILE A 697 -11.33 2.75 2.41
C ILE A 697 -10.80 2.10 1.15
N THR A 698 -9.91 2.81 0.45
CA THR A 698 -9.57 2.51 -0.94
C THR A 698 -8.14 1.97 -1.04
N ALA A 699 -8.00 0.88 -1.80
CA ALA A 699 -6.69 0.36 -2.17
C ALA A 699 -6.40 0.70 -3.62
N MET A 700 -5.15 1.07 -3.91
CA MET A 700 -4.76 1.56 -5.23
C MET A 700 -3.38 1.04 -5.59
N THR A 701 -3.23 0.53 -6.80
CA THR A 701 -1.95 0.07 -7.31
C THR A 701 -1.25 1.20 -8.07
N GLY A 702 0.03 0.98 -8.36
CA GLY A 702 0.81 1.99 -9.04
C GLY A 702 2.24 1.53 -9.20
N ASP A 703 2.95 2.19 -10.13
CA ASP A 703 4.29 1.76 -10.49
C ASP A 703 5.26 2.93 -10.67
N GLY A 704 4.84 3.98 -11.39
CA GLY A 704 5.74 5.07 -11.69
C GLY A 704 5.85 6.10 -10.58
N VAL A 705 6.65 7.14 -10.84
CA VAL A 705 6.77 8.25 -9.90
C VAL A 705 5.68 9.26 -10.18
N ASN A 706 4.73 8.88 -11.04
CA ASN A 706 3.49 9.63 -11.20
C ASN A 706 2.29 8.87 -10.65
N ASP A 707 2.44 7.59 -10.34
CA ASP A 707 1.46 6.91 -9.50
C ASP A 707 1.66 7.24 -8.02
N ALA A 708 2.83 7.78 -7.68
CA ALA A 708 3.13 8.14 -6.29
C ALA A 708 2.08 9.04 -5.65
N PRO A 709 1.54 10.08 -6.32
CA PRO A 709 0.51 10.89 -5.65
C PRO A 709 -0.73 10.10 -5.30
N ALA A 710 -1.20 9.24 -6.21
CA ALA A 710 -2.36 8.42 -5.90
C ALA A 710 -2.04 7.39 -4.82
N LEU A 711 -0.84 6.81 -4.86
CA LEU A 711 -0.44 5.88 -3.82
C LEU A 711 -0.47 6.53 -2.46
N LYS A 712 -0.05 7.79 -2.37
CA LYS A 712 -0.11 8.50 -1.10
C LYS A 712 -1.55 8.83 -0.73
N LYS A 713 -2.32 9.36 -1.70
CA LYS A 713 -3.68 9.79 -1.40
C LYS A 713 -4.58 8.62 -1.02
N ALA A 714 -4.25 7.42 -1.49
CA ALA A 714 -5.05 6.25 -1.14
C ALA A 714 -4.76 5.81 0.30
N GLU A 715 -5.77 5.19 0.91
CA GLU A 715 -5.60 4.68 2.27
C GLU A 715 -4.56 3.56 2.31
N ILE A 716 -4.49 2.74 1.26
CA ILE A 716 -3.49 1.70 1.16
C ILE A 716 -2.86 1.77 -0.23
N GLY A 717 -1.77 2.52 -0.36
CA GLY A 717 -1.05 2.58 -1.61
C GLY A 717 -0.29 1.29 -1.82
N ILE A 718 -0.58 0.58 -2.91
CA ILE A 718 0.02 -0.71 -3.20
C ILE A 718 0.97 -0.54 -4.39
N ALA A 719 2.22 -0.94 -4.20
CA ALA A 719 3.24 -0.84 -5.23
C ALA A 719 3.63 -2.23 -5.70
N MET A 720 4.48 -2.25 -6.74
CA MET A 720 4.93 -3.48 -7.36
C MET A 720 6.32 -3.84 -6.87
N GLY A 721 6.56 -5.14 -6.70
CA GLY A 721 7.90 -5.62 -6.39
C GLY A 721 8.91 -5.36 -7.47
N SER A 722 8.47 -4.86 -8.62
CA SER A 722 9.36 -4.47 -9.72
C SER A 722 9.27 -2.98 -10.04
N GLY A 723 8.41 -2.23 -9.35
CA GLY A 723 8.24 -0.83 -9.65
C GLY A 723 9.47 -0.01 -9.30
N THR A 724 9.43 1.25 -9.73
CA THR A 724 10.50 2.18 -9.39
C THR A 724 10.57 2.35 -7.87
N ALA A 725 11.77 2.68 -7.38
CA ALA A 725 11.98 2.77 -5.94
C ALA A 725 11.07 3.82 -5.31
N VAL A 726 10.78 4.91 -6.02
CA VAL A 726 9.93 5.96 -5.46
C VAL A 726 8.54 5.43 -5.15
N ALA A 727 7.96 4.66 -6.08
CA ALA A 727 6.63 4.13 -5.86
C ALA A 727 6.58 3.25 -4.61
N LYS A 728 7.60 2.42 -4.41
CA LYS A 728 7.66 1.59 -3.22
C LYS A 728 7.73 2.43 -1.95
N THR A 729 8.70 3.35 -1.89
CA THR A 729 8.85 4.21 -0.73
C THR A 729 7.65 5.12 -0.50
N ALA A 730 6.75 5.23 -1.47
CA ALA A 730 5.51 5.97 -1.31
C ALA A 730 4.31 5.06 -1.07
N SER A 731 4.56 3.81 -0.69
CA SER A 731 3.51 2.81 -0.55
C SER A 731 3.47 2.26 0.87
N GLU A 732 2.30 1.75 1.23
CA GLU A 732 2.10 1.04 2.48
C GLU A 732 2.19 -0.48 2.32
N MET A 733 2.44 -0.96 1.10
CA MET A 733 2.57 -2.39 0.81
C MET A 733 3.21 -2.54 -0.56
N VAL A 734 4.04 -3.57 -0.70
CA VAL A 734 4.70 -3.88 -1.97
C VAL A 734 4.46 -5.35 -2.28
N LEU A 735 3.79 -5.61 -3.40
CA LEU A 735 3.57 -6.99 -3.84
C LEU A 735 4.90 -7.56 -4.35
N ALA A 736 5.50 -8.46 -3.57
CA ALA A 736 6.80 -9.00 -3.94
C ALA A 736 6.77 -9.79 -5.24
N ASP A 737 5.58 -10.20 -5.70
CA ASP A 737 5.45 -11.01 -6.90
C ASP A 737 4.57 -10.35 -7.97
N ASP A 738 4.26 -9.07 -7.83
CA ASP A 738 3.49 -8.32 -8.83
C ASP A 738 2.15 -9.01 -9.15
N ASN A 739 1.52 -9.59 -8.13
CA ASN A 739 0.33 -10.39 -8.34
C ASN A 739 -0.85 -9.80 -7.57
N PHE A 740 -2.03 -9.87 -8.19
CA PHE A 740 -3.23 -9.30 -7.59
C PHE A 740 -3.73 -10.13 -6.42
N SER A 741 -3.72 -11.46 -6.57
CA SER A 741 -4.24 -12.33 -5.52
C SER A 741 -3.50 -12.14 -4.21
N THR A 742 -2.25 -11.65 -4.28
CA THR A 742 -1.53 -11.28 -3.07
C THR A 742 -2.29 -10.24 -2.27
N ILE A 743 -2.91 -9.28 -2.96
CA ILE A 743 -3.70 -8.24 -2.29
C ILE A 743 -4.84 -8.88 -1.50
N VAL A 744 -5.61 -9.74 -2.15
CA VAL A 744 -6.73 -10.40 -1.48
C VAL A 744 -6.22 -11.24 -0.31
N ALA A 745 -5.10 -11.94 -0.50
CA ALA A 745 -4.52 -12.73 0.58
C ALA A 745 -4.11 -11.82 1.74
N ALA A 746 -3.65 -10.61 1.43
CA ALA A 746 -3.27 -9.67 2.48
C ALA A 746 -4.48 -9.15 3.22
N VAL A 747 -5.58 -8.87 2.49
CA VAL A 747 -6.81 -8.43 3.13
C VAL A 747 -7.35 -9.51 4.07
N GLU A 748 -7.14 -10.78 3.72
CA GLU A 748 -7.58 -11.87 4.59
C GLU A 748 -6.83 -11.83 5.92
N GLU A 749 -5.50 -11.78 5.86
CA GLU A 749 -4.71 -11.78 7.08
C GLU A 749 -4.96 -10.53 7.91
N GLY A 750 -5.28 -9.41 7.27
CA GLY A 750 -5.59 -8.20 8.01
C GLY A 750 -6.84 -8.34 8.86
N ARG A 751 -7.81 -9.13 8.40
CA ARG A 751 -9.01 -9.38 9.19
C ARG A 751 -8.73 -10.39 10.31
N ALA A 752 -7.96 -11.44 10.01
CA ALA A 752 -7.57 -12.39 11.05
C ALA A 752 -6.77 -11.71 12.15
N ILE A 753 -6.05 -10.65 11.82
CA ILE A 753 -5.33 -9.89 12.84
C ILE A 753 -6.30 -9.10 13.71
N TYR A 754 -7.13 -8.27 13.07
CA TYR A 754 -8.05 -7.41 13.83
C TYR A 754 -9.03 -8.23 14.65
N ASN A 755 -9.64 -9.25 14.03
CA ASN A 755 -10.60 -10.08 14.74
C ASN A 755 -10.03 -10.67 16.02
N ASN A 756 -8.71 -10.73 16.13
CA ASN A 756 -8.05 -11.12 17.37
C ASN A 756 -7.55 -9.92 18.17
N MET A 757 -7.15 -8.84 17.51
CA MET A 757 -6.91 -7.58 18.22
C MET A 757 -8.18 -7.09 18.90
N LYS A 758 -9.34 -7.43 18.33
CA LYS A 758 -10.63 -7.12 18.96
C LYS A 758 -10.66 -7.63 20.40
N GLN A 759 -10.10 -8.81 20.64
CA GLN A 759 -10.21 -9.44 21.95
C GLN A 759 -9.26 -8.79 22.95
N PHE A 760 -7.95 -8.82 22.67
CA PHE A 760 -7.01 -8.39 23.69
C PHE A 760 -7.09 -6.89 23.95
N ILE A 761 -7.54 -6.10 22.98
CA ILE A 761 -7.80 -4.69 23.26
C ILE A 761 -8.95 -4.56 24.25
N ARG A 762 -10.02 -5.32 24.02
CA ARG A 762 -11.13 -5.34 24.97
C ARG A 762 -10.74 -6.00 26.28
N TYR A 763 -9.76 -6.91 26.26
CA TYR A 763 -9.46 -7.72 27.42
C TYR A 763 -8.51 -7.03 28.38
N LEU A 764 -7.55 -6.27 27.86
CA LEU A 764 -6.68 -5.47 28.72
C LEU A 764 -7.41 -4.25 29.26
N ILE A 765 -8.27 -3.64 28.44
CA ILE A 765 -9.07 -2.52 28.90
C ILE A 765 -10.10 -2.98 29.93
N SER A 766 -10.49 -4.26 29.90
CA SER A 766 -11.38 -4.78 30.92
C SER A 766 -10.65 -4.97 32.25
N SER A 767 -9.41 -5.45 32.20
CA SER A 767 -8.63 -5.60 33.42
C SER A 767 -8.32 -4.25 34.05
N ASN A 768 -8.01 -3.22 33.24
CA ASN A 768 -7.76 -1.89 33.77
C ASN A 768 -9.01 -1.34 34.43
N VAL A 769 -10.13 -1.40 33.72
CA VAL A 769 -11.40 -1.00 34.31
C VAL A 769 -11.64 -1.79 35.59
N GLY A 770 -11.10 -3.01 35.66
CA GLY A 770 -11.20 -3.81 36.86
C GLY A 770 -10.29 -3.36 37.99
N GLU A 771 -9.04 -3.00 37.66
CA GLU A 771 -8.11 -2.55 38.69
C GLU A 771 -8.56 -1.23 39.28
N VAL A 772 -9.06 -0.32 38.45
CA VAL A 772 -9.54 0.98 38.93
C VAL A 772 -10.62 0.80 40.00
N VAL A 773 -11.42 -0.27 39.87
CA VAL A 773 -12.40 -0.58 40.91
C VAL A 773 -11.69 -0.90 42.22
N CYS A 774 -10.66 -1.76 42.16
CA CYS A 774 -9.95 -2.17 43.37
C CYS A 774 -9.40 -0.98 44.14
N ILE A 775 -8.87 0.02 43.42
CA ILE A 775 -8.35 1.21 44.09
C ILE A 775 -9.47 2.01 44.72
N PHE A 776 -10.60 2.14 44.02
CA PHE A 776 -11.68 3.00 44.51
C PHE A 776 -12.28 2.47 45.81
N LEU A 777 -12.26 1.16 46.01
CA LEU A 777 -12.75 0.59 47.27
C LEU A 777 -11.72 0.77 48.37
N THR A 778 -10.45 0.50 48.08
CA THR A 778 -9.35 0.77 48.99
C THR A 778 -9.23 2.26 49.32
N ALA A 779 -9.96 3.13 48.62
CA ALA A 779 -9.95 4.56 48.88
C ALA A 779 -11.18 5.05 49.64
N ALA A 780 -12.38 4.65 49.20
CA ALA A 780 -13.61 5.06 49.88
C ALA A 780 -13.66 4.49 51.29
N LEU A 781 -13.56 3.17 51.41
CA LEU A 781 -13.51 2.52 52.71
C LEU A 781 -12.17 2.71 53.42
N GLY A 782 -11.21 3.37 52.76
CA GLY A 782 -9.94 3.69 53.39
C GLY A 782 -9.12 2.49 53.81
N LEU A 783 -9.20 1.41 53.04
CA LEU A 783 -8.45 0.21 53.41
C LEU A 783 -6.96 0.44 53.19
N PRO A 784 -6.10 -0.28 53.91
CA PRO A 784 -4.68 -0.26 53.57
C PRO A 784 -4.51 -0.59 52.09
N GLU A 785 -3.60 0.12 51.43
CA GLU A 785 -3.33 -0.09 50.01
C GLU A 785 -3.26 -1.58 49.71
N ALA A 786 -4.28 -2.08 48.99
CA ALA A 786 -4.38 -3.48 48.59
C ALA A 786 -3.51 -3.81 47.39
N LEU A 787 -3.19 -2.81 46.56
CA LEU A 787 -2.29 -2.98 45.42
C LEU A 787 -1.47 -1.71 45.31
N ILE A 788 -0.16 -1.83 45.51
CA ILE A 788 0.77 -0.71 45.35
C ILE A 788 1.01 -0.60 43.84
N PRO A 789 1.31 0.60 43.32
CA PRO A 789 1.50 0.73 41.86
C PRO A 789 2.57 -0.18 41.28
N VAL A 790 3.63 -0.48 42.05
CA VAL A 790 4.71 -1.31 41.51
C VAL A 790 4.19 -2.71 41.14
N GLN A 791 3.23 -3.22 41.90
CA GLN A 791 2.61 -4.49 41.55
C GLN A 791 1.72 -4.35 40.31
N LEU A 792 0.95 -3.25 40.25
CA LEU A 792 0.05 -3.05 39.11
C LEU A 792 0.81 -2.96 37.80
N LEU A 793 2.02 -2.41 37.82
CA LEU A 793 2.81 -2.31 36.59
C LEU A 793 3.23 -3.70 36.10
N TRP A 794 3.66 -4.57 37.01
CA TRP A 794 4.04 -5.93 36.62
C TRP A 794 2.85 -6.67 36.00
N VAL A 795 1.65 -6.41 36.50
CA VAL A 795 0.45 -7.06 35.97
C VAL A 795 0.15 -6.56 34.56
N ASN A 796 -0.03 -5.25 34.42
CA ASN A 796 -0.42 -4.65 33.16
C ASN A 796 0.64 -4.75 32.07
N LEU A 797 1.79 -5.38 32.35
CA LEU A 797 2.82 -5.61 31.33
C LEU A 797 3.07 -7.10 31.12
N VAL A 798 3.40 -7.85 32.17
CA VAL A 798 3.92 -9.20 31.98
C VAL A 798 2.83 -10.23 32.24
N THR A 799 2.27 -10.23 33.44
CA THR A 799 1.26 -11.23 33.76
C THR A 799 -0.03 -11.05 32.97
N ASP A 800 -0.20 -9.92 32.28
CA ASP A 800 -1.30 -9.72 31.35
C ASP A 800 -0.85 -9.65 29.90
N GLY A 801 0.37 -9.20 29.63
CA GLY A 801 0.81 -8.99 28.26
C GLY A 801 1.18 -10.24 27.50
N LEU A 802 1.19 -11.39 28.16
CA LEU A 802 1.47 -12.65 27.47
C LEU A 802 0.17 -13.35 27.10
N PRO A 803 -0.87 -13.33 27.94
CA PRO A 803 -2.19 -13.76 27.45
C PRO A 803 -2.73 -12.85 26.35
N ALA A 804 -2.52 -11.54 26.46
CA ALA A 804 -3.03 -10.62 25.45
C ALA A 804 -2.33 -10.86 24.10
N THR A 805 -1.02 -11.05 24.13
CA THR A 805 -0.28 -11.38 22.91
C THR A 805 -0.34 -12.85 22.56
N ALA A 806 -1.40 -13.53 22.98
CA ALA A 806 -1.71 -14.88 22.53
C ALA A 806 -3.10 -14.97 21.90
N LEU A 807 -4.06 -14.16 22.38
CA LEU A 807 -5.35 -14.08 21.74
C LEU A 807 -5.24 -13.63 20.29
N GLY A 808 -4.15 -12.95 19.94
CA GLY A 808 -3.87 -12.68 18.54
C GLY A 808 -3.72 -13.95 17.72
N PHE A 809 -3.29 -15.04 18.37
CA PHE A 809 -3.11 -16.33 17.74
C PHE A 809 -4.39 -17.17 17.78
N ASN A 810 -5.55 -16.54 17.98
CA ASN A 810 -6.81 -17.26 18.05
C ASN A 810 -7.11 -17.96 16.72
N PRO A 811 -7.96 -18.99 16.75
CA PRO A 811 -8.38 -19.63 15.51
C PRO A 811 -9.06 -18.64 14.58
N PRO A 812 -8.59 -18.53 13.34
CA PRO A 812 -9.29 -17.68 12.37
C PRO A 812 -10.67 -18.25 12.06
N ASP A 813 -11.59 -17.34 11.72
CA ASP A 813 -12.95 -17.76 11.44
C ASP A 813 -13.06 -18.34 10.04
N LEU A 814 -14.13 -19.13 9.84
CA LEU A 814 -14.40 -19.70 8.52
C LEU A 814 -15.13 -18.69 7.63
N ASP A 815 -16.15 -18.03 8.19
CA ASP A 815 -16.84 -16.94 7.51
C ASP A 815 -16.06 -15.64 7.55
N ILE A 816 -14.73 -15.72 7.72
CA ILE A 816 -13.91 -14.53 7.88
C ILE A 816 -13.93 -13.69 6.61
N MET A 817 -14.18 -14.32 5.47
CA MET A 817 -14.23 -13.60 4.18
C MET A 817 -15.63 -13.61 3.59
N ASP A 818 -16.61 -14.14 4.30
CA ASP A 818 -18.01 -14.07 3.87
C ASP A 818 -18.74 -12.90 4.50
N ARG A 819 -18.06 -12.07 5.29
CA ARG A 819 -18.58 -10.89 5.95
C ARG A 819 -18.08 -9.63 5.24
N PRO A 820 -18.93 -8.62 5.09
CA PRO A 820 -18.54 -7.39 4.38
C PRO A 820 -17.43 -6.67 5.12
N PRO A 821 -16.79 -5.68 4.48
CA PRO A 821 -15.69 -4.97 5.15
C PRO A 821 -16.18 -4.18 6.35
N ARG A 822 -15.35 -4.16 7.40
CA ARG A 822 -15.71 -3.49 8.63
C ARG A 822 -15.78 -1.98 8.44
N SER A 823 -16.67 -1.33 9.19
CA SER A 823 -16.88 0.09 9.04
C SER A 823 -15.86 0.88 9.86
N PRO A 824 -15.42 2.05 9.38
CA PRO A 824 -14.49 2.87 10.15
C PRO A 824 -15.11 3.41 11.43
N LYS A 825 -16.30 3.99 11.31
CA LYS A 825 -17.00 4.60 12.45
C LYS A 825 -17.70 3.57 13.32
N GLU A 826 -17.29 2.31 13.25
CA GLU A 826 -17.75 1.29 14.18
C GLU A 826 -17.25 1.64 15.57
N PRO A 827 -18.14 1.90 16.54
CA PRO A 827 -17.69 2.33 17.86
C PRO A 827 -16.90 1.26 18.59
N LEU A 828 -16.08 1.71 19.54
CA LEU A 828 -15.24 0.80 20.33
C LEU A 828 -16.10 -0.28 20.99
N ILE A 829 -17.00 0.14 21.86
CA ILE A 829 -17.82 -0.76 22.66
C ILE A 829 -19.27 -0.61 22.24
N SER A 830 -19.99 -1.74 22.18
CA SER A 830 -21.43 -1.69 22.03
C SER A 830 -22.07 -1.33 23.37
N GLY A 831 -23.34 -0.95 23.31
CA GLY A 831 -24.08 -0.71 24.54
C GLY A 831 -24.06 -1.93 25.44
N TRP A 832 -24.31 -3.12 24.86
CA TRP A 832 -24.19 -4.36 25.60
C TRP A 832 -22.72 -4.67 25.90
N LEU A 833 -21.87 -4.62 24.88
CA LEU A 833 -20.47 -5.01 25.03
C LEU A 833 -19.77 -4.18 26.11
N PHE A 834 -20.15 -2.91 26.26
CA PHE A 834 -19.64 -2.10 27.36
C PHE A 834 -20.17 -2.61 28.69
N PHE A 835 -21.48 -2.88 28.76
CA PHE A 835 -22.10 -3.34 30.00
C PHE A 835 -21.53 -4.68 30.45
N ARG A 836 -21.19 -5.55 29.49
CA ARG A 836 -20.66 -6.87 29.84
C ARG A 836 -19.34 -6.76 30.59
N TYR A 837 -18.38 -6.02 30.03
CA TYR A 837 -17.08 -5.90 30.66
C TYR A 837 -17.11 -5.03 31.91
N MET A 838 -18.12 -4.18 32.07
CA MET A 838 -18.28 -3.46 33.32
C MET A 838 -18.68 -4.38 34.45
N ALA A 839 -19.54 -5.35 34.18
CA ALA A 839 -19.88 -6.35 35.19
C ALA A 839 -18.67 -7.19 35.55
N ILE A 840 -17.90 -7.63 34.54
CA ILE A 840 -16.69 -8.38 34.82
C ILE A 840 -15.64 -7.49 35.49
N GLY A 841 -15.49 -6.26 34.98
CA GLY A 841 -14.58 -5.32 35.61
C GLY A 841 -14.95 -5.03 37.05
N GLY A 842 -16.25 -5.00 37.35
CA GLY A 842 -16.67 -4.81 38.73
C GLY A 842 -16.33 -5.99 39.62
N TYR A 843 -16.40 -7.20 39.07
CA TYR A 843 -16.11 -8.40 39.86
C TYR A 843 -14.65 -8.44 40.27
N VAL A 844 -13.74 -8.41 39.30
CA VAL A 844 -12.32 -8.56 39.61
C VAL A 844 -11.82 -7.43 40.50
N GLY A 845 -12.51 -6.28 40.50
CA GLY A 845 -12.16 -5.22 41.44
C GLY A 845 -12.55 -5.55 42.86
N ALA A 846 -13.64 -6.30 43.04
CA ALA A 846 -14.12 -6.74 44.34
C ALA A 846 -13.66 -8.13 44.70
N ALA A 847 -12.47 -8.53 44.26
CA ALA A 847 -11.85 -9.80 44.62
C ALA A 847 -10.42 -9.62 45.09
N THR A 848 -9.66 -8.74 44.42
CA THR A 848 -8.42 -8.25 45.01
C THR A 848 -8.70 -7.47 46.28
N VAL A 849 -9.85 -6.81 46.35
CA VAL A 849 -10.28 -6.23 47.62
C VAL A 849 -10.51 -7.31 48.66
N GLY A 850 -11.03 -8.46 48.24
CA GLY A 850 -11.18 -9.59 49.12
C GLY A 850 -9.87 -10.02 49.74
N ALA A 851 -8.99 -10.61 48.91
CA ALA A 851 -7.79 -11.26 49.42
C ALA A 851 -6.93 -10.31 50.27
N ALA A 852 -6.82 -9.05 49.87
CA ALA A 852 -6.05 -8.07 50.63
C ALA A 852 -6.86 -7.34 51.68
N ALA A 853 -8.08 -7.78 51.94
CA ALA A 853 -8.83 -7.33 53.11
C ALA A 853 -9.54 -8.45 53.84
N TRP A 854 -9.88 -9.56 53.17
CA TRP A 854 -10.27 -10.78 53.86
C TRP A 854 -9.10 -11.35 54.66
N TRP A 855 -7.87 -10.92 54.38
CA TRP A 855 -6.76 -11.18 55.29
C TRP A 855 -6.92 -10.42 56.61
N PHE A 856 -7.95 -9.59 56.72
CA PHE A 856 -8.55 -9.14 57.96
C PHE A 856 -10.03 -9.53 57.91
N MET A 857 -10.75 -9.28 59.02
CA MET A 857 -12.21 -9.42 59.05
C MET A 857 -12.68 -10.85 58.72
N TYR A 858 -11.75 -11.82 58.85
CA TYR A 858 -11.95 -13.27 58.69
C TYR A 858 -10.65 -13.93 58.23
N ALA A 859 -9.59 -13.87 59.04
CA ALA A 859 -8.31 -14.42 58.63
C ALA A 859 -7.70 -15.23 59.76
N GLU A 860 -6.70 -16.04 59.39
CA GLU A 860 -5.99 -16.87 60.35
C GLU A 860 -4.72 -16.18 60.84
N ASP A 861 -3.82 -15.84 59.92
CA ASP A 861 -2.61 -15.10 60.29
C ASP A 861 -2.91 -13.65 60.59
N GLY A 862 -3.86 -13.05 59.87
CA GLY A 862 -4.22 -11.67 60.09
C GLY A 862 -5.07 -11.49 61.31
N PRO A 863 -5.30 -10.22 61.67
CA PRO A 863 -6.18 -9.92 62.82
C PRO A 863 -7.51 -10.68 62.79
N GLY A 864 -8.26 -10.59 61.70
CA GLY A 864 -9.56 -11.23 61.63
C GLY A 864 -10.63 -10.52 62.42
N VAL A 865 -10.50 -9.20 62.60
CA VAL A 865 -11.45 -8.43 63.40
C VAL A 865 -12.66 -8.09 62.54
N THR A 866 -13.63 -9.00 62.49
CA THR A 866 -14.80 -8.86 61.62
C THR A 866 -15.91 -8.01 62.23
N TYR A 867 -16.09 -8.08 63.55
CA TYR A 867 -17.09 -7.26 64.24
C TYR A 867 -16.70 -5.79 64.15
N HIS A 868 -15.61 -5.44 64.82
CA HIS A 868 -15.09 -4.08 64.80
C HIS A 868 -14.67 -3.69 63.39
N GLN A 869 -15.34 -2.67 62.84
CA GLN A 869 -14.94 -2.10 61.57
C GLN A 869 -13.51 -1.58 61.68
N LEU A 870 -12.57 -2.31 61.07
CA LEU A 870 -11.16 -1.93 61.17
C LEU A 870 -10.88 -0.67 60.35
N THR A 871 -11.02 -0.78 59.02
CA THR A 871 -10.93 0.34 58.07
C THR A 871 -9.80 1.31 58.39
N HIS A 872 -9.96 2.06 59.48
CA HIS A 872 -8.91 2.94 59.96
C HIS A 872 -7.62 2.17 60.18
N PHE A 873 -6.56 2.58 59.47
CA PHE A 873 -5.28 1.90 59.57
C PHE A 873 -4.30 2.86 60.24
N MET A 874 -3.63 3.74 59.50
CA MET A 874 -2.78 4.75 60.13
C MET A 874 -3.58 5.82 60.84
N GLN A 875 -4.91 5.76 60.77
CA GLN A 875 -5.75 6.58 61.63
C GLN A 875 -5.53 6.26 63.11
N CYS A 876 -5.23 5.00 63.44
CA CYS A 876 -5.09 4.63 64.85
C CYS A 876 -3.79 5.17 65.42
N THR A 877 -3.90 5.88 66.54
CA THR A 877 -2.76 6.50 67.23
C THR A 877 -2.59 5.85 68.60
N GLU A 878 -3.35 6.34 69.60
CA GLU A 878 -3.47 5.66 70.87
C GLU A 878 -4.89 5.17 71.10
N ASP A 879 -5.64 4.98 70.02
CA ASP A 879 -7.01 4.48 70.09
C ASP A 879 -7.00 2.95 70.10
N HIS A 880 -5.90 2.36 70.59
CA HIS A 880 -5.76 0.91 70.51
C HIS A 880 -5.78 0.21 71.87
N PRO A 881 -5.51 0.90 73.01
CA PRO A 881 -5.82 0.26 74.31
C PRO A 881 -7.27 -0.17 74.41
N HIS A 882 -7.53 -1.47 74.26
CA HIS A 882 -8.84 -2.10 74.44
C HIS A 882 -9.85 -1.75 73.36
N PHE A 883 -9.57 -0.72 72.55
CA PHE A 883 -10.42 -0.47 71.39
C PHE A 883 -9.98 -1.30 70.19
N GLU A 884 -8.67 -1.38 69.96
CA GLU A 884 -8.09 -2.32 69.00
C GLU A 884 -7.41 -3.42 69.83
N GLY A 885 -8.06 -4.57 69.90
CA GLY A 885 -7.64 -5.67 70.76
C GLY A 885 -6.26 -6.22 70.52
N LEU A 886 -5.40 -5.44 69.87
CA LEU A 886 -4.01 -5.80 69.66
C LEU A 886 -3.23 -4.60 69.13
N ASP A 887 -2.27 -4.86 68.26
CA ASP A 887 -1.30 -3.86 67.83
C ASP A 887 -1.89 -2.94 66.77
N CYS A 888 -1.05 -1.98 66.34
CA CYS A 888 -1.33 -0.91 65.36
C CYS A 888 -0.35 -0.61 64.20
N GLU A 889 0.24 -1.66 63.61
CA GLU A 889 1.20 -1.47 62.52
C GLU A 889 1.22 -2.58 61.47
N ILE A 890 0.36 -3.59 61.55
CA ILE A 890 0.27 -4.61 60.52
C ILE A 890 -0.91 -4.35 59.58
N PHE A 891 -1.51 -3.16 59.67
CA PHE A 891 -2.33 -2.69 58.55
C PHE A 891 -1.53 -2.77 57.27
N GLU A 892 -0.44 -2.02 57.20
CA GLU A 892 0.55 -2.16 56.13
C GLU A 892 1.35 -3.44 56.38
N ALA A 893 1.33 -4.35 55.41
CA ALA A 893 2.05 -5.61 55.53
C ALA A 893 2.20 -6.22 54.16
N PRO A 894 3.36 -6.81 53.84
CA PRO A 894 3.48 -7.56 52.58
C PRO A 894 2.85 -8.95 52.66
N GLU A 895 1.69 -9.05 53.33
CA GLU A 895 0.99 -10.32 53.46
C GLU A 895 -0.45 -10.23 52.94
N PRO A 896 -1.17 -9.12 53.13
CA PRO A 896 -2.44 -8.95 52.41
C PRO A 896 -2.23 -8.48 50.98
N MET A 897 -1.28 -7.55 50.79
CA MET A 897 -0.97 -7.07 49.44
C MET A 897 -0.59 -8.23 48.53
N THR A 898 0.23 -9.17 49.03
CA THR A 898 0.61 -10.35 48.27
C THR A 898 -0.55 -11.31 48.06
N MET A 899 -1.70 -11.06 48.70
CA MET A 899 -2.87 -11.91 48.51
C MET A 899 -3.75 -11.40 47.38
N ALA A 900 -3.95 -10.07 47.29
CA ALA A 900 -4.68 -9.49 46.18
C ALA A 900 -3.91 -9.64 44.88
N LEU A 901 -2.65 -9.21 44.88
CA LEU A 901 -1.79 -9.40 43.73
C LEU A 901 -1.77 -10.86 43.29
N SER A 902 -1.95 -11.79 44.24
CA SER A 902 -1.98 -13.20 43.91
C SER A 902 -3.30 -13.57 43.22
N VAL A 903 -4.43 -13.09 43.75
CA VAL A 903 -5.71 -13.49 43.19
C VAL A 903 -5.93 -12.83 41.83
N LEU A 904 -5.47 -11.58 41.66
CA LEU A 904 -5.64 -10.89 40.39
C LEU A 904 -4.99 -11.67 39.26
N VAL A 905 -3.79 -12.20 39.51
CA VAL A 905 -3.10 -12.99 38.49
C VAL A 905 -3.98 -14.15 38.04
N THR A 906 -4.42 -14.98 38.99
CA THR A 906 -5.26 -16.12 38.65
C THR A 906 -6.58 -15.66 38.01
N ILE A 907 -7.11 -14.52 38.45
CA ILE A 907 -8.36 -14.02 37.89
C ILE A 907 -8.15 -13.62 36.42
N GLU A 908 -7.04 -12.96 36.11
CA GLU A 908 -6.82 -12.48 34.76
C GLU A 908 -6.36 -13.58 33.81
N MET A 909 -5.85 -14.70 34.31
CA MET A 909 -5.64 -15.84 33.43
C MET A 909 -6.96 -16.50 33.06
N CYS A 910 -7.96 -16.38 33.93
CA CYS A 910 -9.30 -16.88 33.61
C CYS A 910 -9.95 -16.03 32.52
N ASN A 911 -9.94 -14.71 32.69
CA ASN A 911 -10.50 -13.82 31.67
C ASN A 911 -9.75 -13.93 30.36
N ALA A 912 -8.55 -14.51 30.37
CA ALA A 912 -7.76 -14.71 29.16
C ALA A 912 -8.36 -15.80 28.30
N LEU A 913 -9.43 -16.42 28.79
CA LEU A 913 -10.15 -17.45 28.05
C LEU A 913 -11.59 -17.08 27.75
N ASN A 914 -12.24 -16.27 28.60
CA ASN A 914 -13.51 -15.70 28.21
C ASN A 914 -13.36 -14.79 27.00
N SER A 915 -12.19 -14.19 26.85
CA SER A 915 -11.83 -13.46 25.63
C SER A 915 -11.05 -14.37 24.69
N LEU A 916 -11.67 -15.49 24.37
CA LEU A 916 -11.21 -16.40 23.32
C LEU A 916 -12.25 -16.54 22.22
N SER A 917 -13.52 -16.57 22.59
CA SER A 917 -14.61 -16.26 21.70
C SER A 917 -15.10 -14.84 22.05
N GLU A 918 -16.36 -14.54 21.73
CA GLU A 918 -16.93 -13.26 22.09
C GLU A 918 -18.37 -13.43 22.55
N ASN A 919 -19.11 -14.28 21.85
CA ASN A 919 -20.48 -14.60 22.22
C ASN A 919 -20.70 -16.09 22.47
N GLN A 920 -20.01 -16.97 21.75
CA GLN A 920 -20.22 -18.40 21.93
C GLN A 920 -19.50 -18.90 23.17
N SER A 921 -19.99 -20.03 23.69
CA SER A 921 -19.58 -20.52 25.00
C SER A 921 -18.30 -21.35 24.91
N LEU A 922 -17.85 -21.83 26.06
CA LEU A 922 -16.78 -22.80 26.13
C LEU A 922 -17.31 -24.24 26.10
N MET A 923 -18.60 -24.43 26.40
CA MET A 923 -19.26 -25.68 26.07
C MET A 923 -19.10 -26.01 24.59
N ARG A 924 -19.06 -24.98 23.74
CA ARG A 924 -18.86 -25.12 22.31
C ARG A 924 -17.42 -24.89 21.89
N MET A 925 -16.81 -23.80 22.35
CA MET A 925 -15.43 -23.44 22.00
C MET A 925 -14.52 -23.67 23.20
N PRO A 926 -13.86 -24.84 23.30
CA PRO A 926 -13.04 -25.14 24.47
C PRO A 926 -11.67 -24.50 24.36
N PRO A 927 -10.88 -24.47 25.45
CA PRO A 927 -9.54 -23.88 25.37
C PRO A 927 -8.52 -24.79 24.70
N TRP A 928 -9.00 -25.88 24.08
CA TRP A 928 -8.13 -26.75 23.32
C TRP A 928 -7.67 -26.14 22.00
N VAL A 929 -8.26 -25.01 21.60
CA VAL A 929 -8.03 -24.48 20.26
C VAL A 929 -6.81 -23.57 20.17
N ASN A 930 -6.46 -22.87 21.25
CA ASN A 930 -5.32 -21.96 21.26
C ASN A 930 -4.29 -22.52 22.25
N ILE A 931 -3.54 -23.51 21.78
CA ILE A 931 -2.51 -24.12 22.62
C ILE A 931 -1.32 -23.18 22.81
N TRP A 932 -1.11 -22.25 21.88
CA TRP A 932 -0.10 -21.22 22.11
C TRP A 932 -0.43 -20.39 23.35
N LEU A 933 -1.72 -20.12 23.57
CA LEU A 933 -2.14 -19.36 24.73
C LEU A 933 -1.98 -20.16 26.01
N LEU A 934 -2.33 -21.45 25.98
CA LEU A 934 -2.27 -22.29 27.17
C LEU A 934 -0.86 -22.34 27.74
N GLY A 935 0.09 -22.77 26.91
CA GLY A 935 1.47 -22.95 27.36
C GLY A 935 2.17 -21.69 27.83
N SER A 936 1.50 -20.55 27.73
CA SER A 936 2.04 -19.29 28.23
C SER A 936 1.44 -18.88 29.58
N ILE A 937 0.19 -19.27 29.84
CA ILE A 937 -0.44 -18.95 31.13
C ILE A 937 0.39 -19.49 32.28
N CYS A 938 1.06 -20.63 32.09
CA CYS A 938 1.93 -21.17 33.12
C CYS A 938 3.11 -20.24 33.38
N LEU A 939 3.63 -19.59 32.33
CA LEU A 939 4.84 -18.79 32.48
C LEU A 939 4.60 -17.59 33.39
N SER A 940 3.50 -16.88 33.18
CA SER A 940 3.17 -15.75 34.05
C SER A 940 3.02 -16.19 35.50
N MET A 941 2.55 -17.42 35.72
CA MET A 941 2.47 -17.96 37.07
C MET A 941 3.86 -18.23 37.62
N SER A 942 4.71 -18.89 36.84
CA SER A 942 6.09 -19.14 37.27
C SER A 942 6.82 -17.84 37.56
N LEU A 943 6.47 -16.76 36.86
CA LEU A 943 7.00 -15.45 37.20
C LEU A 943 6.31 -14.89 38.44
N HIS A 944 5.00 -15.13 38.58
CA HIS A 944 4.30 -14.74 39.80
C HIS A 944 4.90 -15.43 41.01
N PHE A 945 5.24 -16.72 40.89
CA PHE A 945 5.96 -17.40 41.94
C PHE A 945 7.42 -16.98 42.00
N LEU A 946 7.96 -16.44 40.90
CA LEU A 946 9.33 -15.92 40.93
C LEU A 946 9.42 -14.66 41.76
N ILE A 947 8.36 -13.83 41.76
CA ILE A 947 8.29 -12.66 42.62
C ILE A 947 7.77 -13.01 44.01
N LEU A 948 7.39 -14.26 44.24
CA LEU A 948 6.96 -14.72 45.56
C LEU A 948 8.04 -15.54 46.27
N TYR A 949 9.28 -15.52 45.78
CA TYR A 949 10.32 -16.36 46.36
C TYR A 949 11.73 -15.79 46.17
N VAL A 950 12.15 -15.62 44.91
CA VAL A 950 13.57 -15.47 44.60
C VAL A 950 14.15 -14.20 45.22
N ASP A 951 15.37 -14.34 45.78
CA ASP A 951 16.16 -13.41 46.58
C ASP A 951 15.55 -12.01 46.72
N PRO A 952 15.70 -11.07 45.75
CA PRO A 952 15.38 -9.67 46.07
C PRO A 952 13.92 -9.30 45.81
N LEU A 953 13.26 -10.05 44.94
CA LEU A 953 11.98 -9.61 44.37
C LEU A 953 10.87 -9.44 45.39
N PRO A 954 10.62 -10.36 46.33
CA PRO A 954 9.47 -10.17 47.25
C PRO A 954 9.52 -8.86 48.01
N MET A 955 10.70 -8.43 48.43
CA MET A 955 10.80 -7.14 49.12
C MET A 955 10.55 -5.98 48.15
N ILE A 956 10.98 -6.13 46.90
CA ILE A 956 10.80 -5.08 45.91
C ILE A 956 9.32 -4.79 45.69
N PHE A 957 8.50 -5.84 45.70
CA PHE A 957 7.09 -5.73 45.41
C PHE A 957 6.22 -5.55 46.64
N LYS A 958 6.81 -5.51 47.84
CA LYS A 958 6.06 -5.51 49.09
C LYS A 958 5.10 -6.70 49.13
N LEU A 959 5.62 -7.87 48.76
CA LEU A 959 4.87 -9.11 48.76
C LEU A 959 5.70 -10.19 49.43
N LYS A 960 5.03 -11.11 50.12
CA LYS A 960 5.68 -12.30 50.65
C LYS A 960 4.87 -13.52 50.21
N ALA A 961 5.44 -14.70 50.42
CA ALA A 961 4.86 -15.91 49.85
C ALA A 961 3.50 -16.22 50.46
N LEU A 962 2.80 -17.15 49.82
CA LEU A 962 1.54 -17.68 50.30
C LEU A 962 1.81 -18.91 51.16
N ASP A 963 0.80 -19.77 51.30
CA ASP A 963 0.96 -21.07 51.93
C ASP A 963 0.57 -22.15 50.93
N LEU A 964 1.03 -23.37 51.18
CA LEU A 964 0.64 -24.53 50.39
C LEU A 964 -0.86 -24.75 50.48
N THR A 965 -1.51 -24.05 51.42
CA THR A 965 -2.95 -24.05 51.56
C THR A 965 -3.61 -22.68 51.37
N GLN A 966 -2.86 -21.58 51.50
CA GLN A 966 -3.49 -20.26 51.40
C GLN A 966 -4.10 -20.02 50.03
N TRP A 967 -3.73 -20.81 49.02
CA TRP A 967 -4.39 -20.70 47.72
C TRP A 967 -5.86 -21.09 47.76
N LEU A 968 -6.33 -21.63 48.89
CA LEU A 968 -7.73 -21.94 49.13
C LEU A 968 -8.63 -20.80 48.70
N MET A 969 -8.56 -19.67 49.41
CA MET A 969 -9.43 -18.53 49.15
C MET A 969 -8.95 -17.66 47.99
N VAL A 970 -7.97 -18.13 47.22
CA VAL A 970 -7.66 -17.49 45.94
C VAL A 970 -8.51 -18.06 44.83
N LEU A 971 -8.50 -19.39 44.67
CA LEU A 971 -9.30 -20.01 43.62
C LEU A 971 -10.77 -20.08 43.96
N LYS A 972 -11.11 -20.20 45.25
CA LYS A 972 -12.50 -20.10 45.69
C LYS A 972 -13.12 -18.78 45.24
N ILE A 973 -12.30 -17.75 45.04
CA ILE A 973 -12.76 -16.45 44.62
C ILE A 973 -12.52 -16.23 43.12
N SER A 974 -11.36 -16.66 42.62
CA SER A 974 -10.99 -16.36 41.24
C SER A 974 -11.83 -17.14 40.24
N LEU A 975 -11.75 -18.48 40.30
CA LEU A 975 -12.40 -19.33 39.31
C LEU A 975 -13.87 -18.99 39.03
N PRO A 976 -14.69 -18.52 40.00
CA PRO A 976 -16.08 -18.16 39.67
C PRO A 976 -16.26 -17.21 38.50
N VAL A 977 -15.21 -16.45 38.13
CA VAL A 977 -15.36 -15.46 37.07
C VAL A 977 -15.59 -16.12 35.71
N ILE A 978 -15.18 -17.38 35.54
CA ILE A 978 -15.44 -18.07 34.28
C ILE A 978 -16.94 -18.20 34.05
N GLY A 979 -17.67 -18.68 35.06
CA GLY A 979 -19.11 -18.77 34.94
C GLY A 979 -19.78 -17.42 34.80
N LEU A 980 -19.16 -16.37 35.32
CA LEU A 980 -19.75 -15.03 35.25
C LEU A 980 -19.97 -14.60 33.81
N ASP A 981 -18.90 -14.62 33.00
CA ASP A 981 -19.05 -14.23 31.60
C ASP A 981 -19.76 -15.32 30.81
N GLU A 982 -19.54 -16.59 31.16
CA GLU A 982 -20.34 -17.67 30.56
C GLU A 982 -21.82 -17.45 30.78
N ILE A 983 -22.19 -16.85 31.91
CA ILE A 983 -23.58 -16.43 32.12
C ILE A 983 -23.93 -15.29 31.18
N LEU A 984 -23.07 -14.26 31.12
CA LEU A 984 -23.28 -13.15 30.20
C LEU A 984 -23.25 -13.59 28.74
N LYS A 985 -22.59 -14.71 28.43
CA LYS A 985 -22.52 -15.18 27.06
C LYS A 985 -23.81 -15.86 26.61
N PHE A 986 -24.44 -16.63 27.50
CA PHE A 986 -25.73 -17.24 27.18
C PHE A 986 -26.81 -16.20 26.93
N ILE A 987 -26.60 -14.96 27.39
CA ILE A 987 -27.54 -13.88 27.09
C ILE A 987 -27.58 -13.59 25.60
N ALA A 988 -26.40 -13.51 24.98
CA ALA A 988 -26.34 -13.15 23.56
C ALA A 988 -26.65 -14.33 22.66
N ARG A 989 -26.20 -15.53 23.05
CA ARG A 989 -26.37 -16.70 22.18
C ARG A 989 -27.84 -17.01 21.95
N ASN A 990 -28.56 -17.33 23.02
CA ASN A 990 -29.93 -17.85 22.91
C ASN A 990 -31.00 -16.81 23.16
N TYR A 991 -30.66 -15.65 23.73
CA TYR A 991 -31.68 -14.67 24.11
C TYR A 991 -31.38 -13.25 23.67
N LEU A 992 -30.43 -13.06 22.74
CA LEU A 992 -30.22 -11.75 22.14
C LEU A 992 -30.05 -11.91 20.64
N GLU A 993 -30.57 -10.92 19.91
CA GLU A 993 -30.35 -10.79 18.47
C GLU A 993 -29.85 -9.38 18.17
N GLY A 994 -29.74 -9.02 16.91
CA GLY A 994 -29.21 -7.72 16.53
C GLY A 994 -30.24 -6.83 15.87
#